data_5E53
#
_entry.id   5E53
#
_cell.length_a   87.484
_cell.length_b   49.871
_cell.length_c   163.302
_cell.angle_alpha   90.000
_cell.angle_beta   97.120
_cell.angle_gamma   90.000
#
_symmetry.space_group_name_H-M   'P 1 21 1'
#
loop_
_entity.id
_entity.type
_entity.pdbx_description
1 polymer Contactin-1
2 non-polymer IMIDAZOLE
3 water water
#
_entity_poly.entity_id   1
_entity_poly.type   'polypeptide(L)'
_entity_poly.pdbx_seq_one_letter_code
;GPPGPPGGIRIEEIRDTAVALTWSRGTDNHSPISKYTIQSKTFLSEEWKDAKTEPSDIEGNMESARVIDLIPWMEYEFRI
IATNTLGTGEPSMPSQRIRTEGAPPNVAPSDVGGGGGSNRELTITWMPLSREYHYGNNFGYIVAFKPFGEKEWRRVTVTN
PEIGRYVHKDESMPPSTQYQVKVKAFNSKGDGPFSLTAVIYSAQDAPTEVPTDVSVKVLSSSEISVSWHHVTEKSVEGYQ
IRYWAAHDKEAAAQRVQVSNQEYSTKLENLKPNTRYHIDVSAFNSAGYGPPSRTIDIITRK
;
_entity_poly.pdbx_strand_id   A,B,C,D
#
# COMPACT_ATOMS: atom_id res chain seq x y z
N PRO A 3 -25.30 -11.57 30.79
CA PRO A 3 -25.03 -12.81 31.54
C PRO A 3 -24.13 -13.75 30.75
N GLY A 4 -24.15 -15.03 31.12
CA GLY A 4 -23.31 -16.02 30.45
C GLY A 4 -23.83 -16.34 29.07
N PRO A 5 -22.95 -16.85 28.18
CA PRO A 5 -23.41 -17.28 26.87
C PRO A 5 -24.27 -18.53 26.96
N PRO A 6 -25.48 -18.52 26.38
CA PRO A 6 -26.32 -19.73 26.37
C PRO A 6 -25.60 -20.92 25.75
N GLY A 7 -25.97 -22.13 26.16
CA GLY A 7 -25.30 -23.33 25.72
C GLY A 7 -25.65 -23.72 24.29
N GLY A 8 -25.53 -25.01 23.99
CA GLY A 8 -25.79 -25.51 22.66
C GLY A 8 -27.21 -25.27 22.20
N ILE A 9 -27.42 -25.33 20.90
CA ILE A 9 -28.73 -25.11 20.29
C ILE A 9 -29.21 -26.36 19.58
N ARG A 10 -30.47 -26.71 19.81
CA ARG A 10 -31.11 -27.86 19.19
C ARG A 10 -32.13 -27.41 18.15
N ILE A 11 -32.08 -28.04 16.98
CA ILE A 11 -33.00 -27.72 15.90
C ILE A 11 -34.25 -28.60 16.03
N GLU A 12 -35.41 -27.96 16.24
CA GLU A 12 -36.64 -28.70 16.53
C GLU A 12 -37.49 -28.95 15.29
N GLU A 13 -37.63 -27.93 14.44
CA GLU A 13 -38.44 -28.03 13.24
C GLU A 13 -37.95 -27.03 12.20
N ILE A 14 -38.03 -27.42 10.93
CA ILE A 14 -37.65 -26.55 9.82
C ILE A 14 -38.75 -26.48 8.77
N ARG A 15 -39.31 -25.28 8.61
CA ARG A 15 -40.29 -24.99 7.57
C ARG A 15 -39.63 -24.10 6.52
N ASP A 16 -40.42 -23.55 5.61
CA ASP A 16 -39.87 -22.78 4.50
C ASP A 16 -39.51 -21.35 4.95
N THR A 17 -40.25 -20.82 5.92
CA THR A 17 -40.05 -19.44 6.36
C THR A 17 -39.82 -19.32 7.87
N ALA A 18 -39.63 -20.44 8.55
CA ALA A 18 -39.43 -20.43 9.99
C ALA A 18 -38.79 -21.71 10.48
N VAL A 19 -38.08 -21.61 11.61
CA VAL A 19 -37.49 -22.77 12.27
C VAL A 19 -37.69 -22.70 13.78
N ALA A 20 -37.93 -23.86 14.40
CA ALA A 20 -38.11 -23.95 15.84
C ALA A 20 -36.78 -24.25 16.53
N LEU A 21 -36.53 -23.61 17.66
CA LEU A 21 -35.26 -23.76 18.37
C LEU A 21 -35.45 -23.99 19.87
N THR A 22 -34.52 -24.75 20.43
CA THR A 22 -34.40 -24.92 21.87
C THR A 22 -32.92 -24.88 22.22
N TRP A 23 -32.60 -24.38 23.42
CA TRP A 23 -31.21 -24.23 23.82
C TRP A 23 -31.02 -24.45 25.32
N SER A 24 -29.76 -24.48 25.75
CA SER A 24 -29.42 -24.69 27.15
C SER A 24 -29.22 -23.34 27.85
N ARG A 25 -29.41 -23.33 29.16
CA ARG A 25 -29.35 -22.10 29.94
C ARG A 25 -27.96 -21.47 29.97
N GLY A 26 -27.92 -20.14 30.03
CA GLY A 26 -26.68 -19.39 30.12
C GLY A 26 -26.58 -18.66 31.44
N THR A 27 -25.50 -18.92 32.16
CA THR A 27 -25.22 -18.35 33.48
C THR A 27 -25.85 -16.98 33.72
N TYR A 36 -34.46 -13.82 26.40
CA TYR A 36 -33.46 -14.10 25.39
C TYR A 36 -33.76 -13.35 24.09
N THR A 37 -32.73 -13.12 23.28
CA THR A 37 -32.89 -12.56 21.95
C THR A 37 -32.13 -13.43 20.95
N ILE A 38 -32.59 -13.44 19.70
CA ILE A 38 -32.04 -14.30 18.67
C ILE A 38 -31.52 -13.51 17.48
N GLN A 39 -30.42 -13.98 16.90
CA GLN A 39 -29.87 -13.41 15.68
C GLN A 39 -29.64 -14.51 14.65
N SER A 40 -29.72 -14.16 13.38
CA SER A 40 -29.53 -15.10 12.28
C SER A 40 -28.35 -14.68 11.41
N LYS A 41 -27.95 -15.56 10.49
CA LYS A 41 -26.84 -15.28 9.59
C LYS A 41 -26.92 -16.14 8.33
N THR A 42 -26.65 -15.52 7.19
CA THR A 42 -26.56 -16.24 5.91
C THR A 42 -25.29 -15.79 5.19
N PHE A 43 -25.20 -16.09 3.90
CA PHE A 43 -24.06 -15.66 3.11
C PHE A 43 -24.18 -14.20 2.72
N LEU A 44 -25.40 -13.65 2.84
CA LEU A 44 -25.65 -12.27 2.45
C LEU A 44 -24.74 -11.30 3.19
N SER A 45 -24.41 -11.66 4.42
CA SER A 45 -23.47 -10.88 5.21
C SER A 45 -22.79 -11.70 6.30
N GLU A 46 -21.56 -11.32 6.62
CA GLU A 46 -20.86 -11.89 7.76
C GLU A 46 -21.48 -11.34 9.04
N GLU A 47 -22.28 -10.29 8.90
CA GLU A 47 -22.94 -9.64 10.03
C GLU A 47 -24.16 -10.45 10.46
N TRP A 48 -24.45 -10.42 11.76
CA TRP A 48 -25.62 -11.09 12.30
C TRP A 48 -26.81 -10.14 12.34
N LYS A 49 -27.97 -10.66 11.95
CA LYS A 49 -29.20 -9.86 11.92
C LYS A 49 -30.16 -10.30 13.01
N ASP A 50 -30.66 -9.32 13.77
CA ASP A 50 -31.64 -9.59 14.81
C ASP A 50 -32.89 -10.20 14.17
N ALA A 51 -33.39 -11.27 14.77
CA ALA A 51 -34.44 -12.08 14.16
C ALA A 51 -35.76 -11.92 14.90
N LYS A 52 -36.86 -12.01 14.14
CA LYS A 52 -38.20 -11.96 14.70
C LYS A 52 -38.61 -13.34 15.17
N THR A 53 -39.50 -13.42 16.16
CA THR A 53 -39.81 -14.68 16.81
C THR A 53 -41.27 -14.85 17.25
N GLU A 54 -41.61 -16.09 17.60
CA GLU A 54 -42.87 -16.42 18.26
C GLU A 54 -42.56 -17.23 19.51
N PRO A 55 -42.83 -16.67 20.70
CA PRO A 55 -43.44 -15.37 20.98
C PRO A 55 -42.59 -14.19 20.52
N SER A 56 -43.23 -13.06 20.27
CA SER A 56 -42.54 -11.85 19.83
C SER A 56 -41.47 -11.45 20.85
N ASP A 57 -41.71 -11.75 22.12
CA ASP A 57 -40.76 -11.49 23.19
C ASP A 57 -40.53 -12.76 24.01
N ILE A 58 -39.27 -13.05 24.31
CA ILE A 58 -38.90 -14.28 25.01
C ILE A 58 -38.45 -14.00 26.44
N GLU A 59 -39.22 -14.49 27.40
CA GLU A 59 -38.85 -14.43 28.81
C GLU A 59 -37.66 -15.34 29.08
N GLY A 60 -36.95 -15.07 30.17
CA GLY A 60 -35.87 -15.95 30.60
C GLY A 60 -36.41 -17.31 30.99
N ASN A 61 -37.70 -17.33 31.33
CA ASN A 61 -38.40 -18.56 31.70
C ASN A 61 -38.30 -19.66 30.64
N MET A 62 -38.39 -19.27 29.38
CA MET A 62 -38.49 -20.21 28.28
C MET A 62 -37.15 -20.51 27.63
N GLU A 63 -36.92 -21.79 27.36
CA GLU A 63 -35.69 -22.25 26.73
C GLU A 63 -35.89 -22.43 25.23
N SER A 64 -37.07 -22.11 24.73
CA SER A 64 -37.36 -22.33 23.33
C SER A 64 -38.04 -21.20 22.63
N ALA A 65 -37.85 -21.16 21.33
CA ALA A 65 -38.44 -20.12 20.52
C ALA A 65 -38.51 -20.55 19.08
N ARG A 66 -39.17 -19.75 18.25
CA ARG A 66 -39.29 -20.03 16.86
C ARG A 66 -39.02 -18.79 16.04
N VAL A 67 -37.94 -18.80 15.29
CA VAL A 67 -37.50 -17.73 14.39
C VAL A 67 -38.39 -17.74 13.15
N ILE A 68 -38.75 -16.55 12.64
CA ILE A 68 -39.72 -16.45 11.55
C ILE A 68 -39.36 -15.48 10.43
N ASP A 69 -40.15 -15.54 9.37
CA ASP A 69 -39.93 -14.73 8.16
C ASP A 69 -38.55 -14.96 7.59
N LEU A 70 -38.14 -16.23 7.56
CA LEU A 70 -36.89 -16.63 6.91
C LEU A 70 -37.12 -16.80 5.41
N ILE A 71 -36.02 -16.83 4.66
CA ILE A 71 -36.10 -17.00 3.21
C ILE A 71 -36.10 -18.49 2.88
N PRO A 72 -37.02 -18.93 1.99
CA PRO A 72 -36.99 -20.33 1.56
C PRO A 72 -35.68 -20.76 0.90
N TRP A 73 -35.30 -22.01 1.10
CA TRP A 73 -34.08 -22.57 0.54
C TRP A 73 -32.84 -21.70 0.80
N MET A 74 -32.77 -21.14 2.00
CA MET A 74 -31.63 -20.35 2.43
C MET A 74 -30.91 -21.06 3.57
N GLU A 75 -29.58 -20.92 3.62
CA GLU A 75 -28.79 -21.53 4.68
C GLU A 75 -28.64 -20.56 5.85
N TYR A 76 -28.89 -21.06 7.06
CA TYR A 76 -28.96 -20.21 8.24
C TYR A 76 -28.15 -20.75 9.41
N GLU A 77 -27.59 -19.83 10.19
CA GLU A 77 -27.08 -20.12 11.53
C GLU A 77 -27.87 -19.28 12.52
N PHE A 78 -27.83 -19.65 13.80
CA PHE A 78 -28.52 -18.91 14.85
C PHE A 78 -27.72 -18.90 16.14
N ARG A 79 -27.81 -17.79 16.87
CA ARG A 79 -27.20 -17.69 18.19
C ARG A 79 -28.16 -16.98 19.17
N ILE A 80 -27.94 -17.24 20.46
CA ILE A 80 -28.83 -16.75 21.51
C ILE A 80 -28.09 -15.76 22.41
N ILE A 81 -28.81 -14.76 22.91
CA ILE A 81 -28.25 -13.72 23.76
C ILE A 81 -29.15 -13.51 24.98
N ALA A 82 -28.55 -13.50 26.16
CA ALA A 82 -29.30 -13.45 27.42
C ALA A 82 -29.27 -12.05 28.04
N THR A 83 -30.10 -11.87 29.07
CA THR A 83 -30.16 -10.61 29.79
C THR A 83 -30.68 -10.86 31.21
N GLY A 87 -26.79 -8.29 31.82
CA GLY A 87 -27.67 -7.80 30.76
C GLY A 87 -26.94 -7.65 29.44
N THR A 88 -27.54 -8.18 28.38
CA THR A 88 -26.93 -8.17 27.05
C THR A 88 -25.55 -8.81 27.11
N GLY A 89 -25.49 -10.00 27.67
CA GLY A 89 -24.25 -10.73 27.80
C GLY A 89 -23.73 -11.21 26.46
N GLU A 90 -22.66 -11.98 26.49
CA GLU A 90 -22.05 -12.47 25.26
C GLU A 90 -23.03 -13.39 24.52
N PRO A 91 -23.02 -13.32 23.18
CA PRO A 91 -23.87 -14.21 22.40
C PRO A 91 -23.40 -15.66 22.48
N SER A 92 -24.27 -16.59 22.11
CA SER A 92 -23.93 -18.01 22.16
C SER A 92 -23.12 -18.39 20.93
N MET A 93 -22.55 -19.59 20.97
CA MET A 93 -21.97 -20.19 19.79
C MET A 93 -23.10 -20.44 18.79
N PRO A 94 -22.82 -20.29 17.49
CA PRO A 94 -23.89 -20.52 16.52
C PRO A 94 -24.43 -21.94 16.56
N SER A 95 -25.67 -22.09 16.15
CA SER A 95 -26.23 -23.41 15.93
C SER A 95 -25.54 -24.04 14.73
N GLN A 96 -25.81 -25.30 14.49
CA GLN A 96 -25.43 -25.93 13.24
C GLN A 96 -26.13 -25.24 12.08
N ARG A 97 -25.45 -25.13 10.95
CA ARG A 97 -26.04 -24.49 9.78
C ARG A 97 -27.16 -25.37 9.24
N ILE A 98 -28.31 -24.75 8.96
CA ILE A 98 -29.48 -25.46 8.45
C ILE A 98 -29.98 -24.80 7.18
N ARG A 99 -30.76 -25.54 6.40
CA ARG A 99 -31.38 -25.03 5.18
C ARG A 99 -32.89 -25.10 5.28
N THR A 100 -33.55 -23.95 5.12
CA THR A 100 -35.01 -23.91 5.17
C THR A 100 -35.62 -24.64 3.98
N GLU A 101 -36.83 -25.16 4.15
CA GLU A 101 -37.54 -25.82 3.07
C GLU A 101 -37.80 -24.83 1.94
N GLY A 102 -38.01 -25.35 0.73
CA GLY A 102 -38.19 -24.49 -0.43
C GLY A 102 -39.63 -24.09 -0.66
N ALA A 103 -39.82 -23.10 -1.51
CA ALA A 103 -41.14 -22.66 -1.94
C ALA A 103 -41.08 -22.19 -3.38
N PRO A 104 -42.24 -21.98 -4.01
CA PRO A 104 -42.21 -21.40 -5.35
C PRO A 104 -41.52 -20.02 -5.33
N PRO A 105 -40.70 -19.71 -6.36
CA PRO A 105 -40.07 -18.38 -6.39
C PRO A 105 -41.12 -17.28 -6.39
N ASN A 106 -40.83 -16.16 -5.73
CA ASN A 106 -41.81 -15.09 -5.56
C ASN A 106 -41.39 -13.78 -6.23
N VAL A 107 -40.45 -13.86 -7.16
CA VAL A 107 -40.02 -12.68 -7.92
C VAL A 107 -39.74 -13.05 -9.38
N ALA A 108 -40.08 -12.12 -10.28
CA ALA A 108 -39.88 -12.34 -11.71
C ALA A 108 -38.50 -11.85 -12.14
N PRO A 109 -37.90 -12.48 -13.16
CA PRO A 109 -36.64 -11.97 -13.70
C PRO A 109 -36.76 -10.55 -14.22
N SER A 110 -35.71 -9.76 -14.07
CA SER A 110 -35.71 -8.37 -14.51
C SER A 110 -34.86 -8.21 -15.77
N ASP A 111 -34.91 -7.02 -16.35
CA ASP A 111 -34.07 -6.66 -17.50
C ASP A 111 -34.25 -7.61 -18.68
N VAL A 112 -35.49 -7.80 -19.12
CA VAL A 112 -35.79 -8.75 -20.17
C VAL A 112 -35.85 -8.06 -21.54
N GLY A 113 -35.14 -8.64 -22.50
CA GLY A 113 -35.09 -8.11 -23.85
C GLY A 113 -34.46 -9.13 -24.77
N GLY A 114 -33.67 -8.64 -25.73
CA GLY A 114 -33.02 -9.51 -26.70
C GLY A 114 -32.88 -8.82 -28.05
N GLY A 115 -32.29 -9.53 -29.00
CA GLY A 115 -32.09 -9.00 -30.34
C GLY A 115 -30.77 -9.45 -30.94
N GLY A 116 -30.60 -9.20 -32.24
CA GLY A 116 -29.37 -9.53 -32.91
C GLY A 116 -29.17 -11.03 -33.05
N GLY A 117 -27.92 -11.44 -33.23
CA GLY A 117 -27.59 -12.83 -33.49
C GLY A 117 -27.25 -13.01 -34.95
N SER A 118 -26.77 -14.19 -35.33
CA SER A 118 -26.48 -14.49 -36.73
C SER A 118 -27.74 -14.98 -37.43
N ASN A 119 -27.59 -15.44 -38.66
CA ASN A 119 -28.74 -15.81 -39.49
C ASN A 119 -29.70 -16.80 -38.84
N ARG A 120 -30.98 -16.45 -38.87
CA ARG A 120 -32.07 -17.32 -38.40
C ARG A 120 -31.96 -17.64 -36.91
N GLU A 121 -31.57 -16.65 -36.11
CA GLU A 121 -31.55 -16.79 -34.66
C GLU A 121 -32.45 -15.77 -34.00
N LEU A 122 -33.02 -16.15 -32.86
CA LEU A 122 -33.77 -15.24 -31.99
C LEU A 122 -33.16 -15.28 -30.60
N THR A 123 -32.30 -14.29 -30.30
CA THR A 123 -31.57 -14.27 -29.05
C THR A 123 -32.36 -13.51 -27.99
N ILE A 124 -32.63 -14.18 -26.87
CA ILE A 124 -33.44 -13.63 -25.80
C ILE A 124 -32.59 -13.50 -24.54
N THR A 125 -32.70 -12.36 -23.86
CA THR A 125 -31.86 -12.09 -22.69
C THR A 125 -32.66 -11.60 -21.49
N TRP A 126 -32.12 -11.87 -20.30
CA TRP A 126 -32.73 -11.46 -19.04
C TRP A 126 -31.66 -11.49 -17.95
N MET A 127 -31.83 -10.68 -16.90
CA MET A 127 -30.90 -10.72 -15.78
C MET A 127 -31.20 -11.95 -14.91
N PRO A 128 -30.19 -12.80 -14.68
CA PRO A 128 -30.44 -13.99 -13.83
C PRO A 128 -30.68 -13.63 -12.38
N LEU A 129 -31.63 -14.30 -11.74
CA LEU A 129 -31.89 -14.13 -10.32
C LEU A 129 -30.70 -14.58 -9.49
N SER A 130 -30.35 -13.79 -8.47
CA SER A 130 -29.31 -14.19 -7.53
C SER A 130 -29.73 -15.47 -6.80
N ARG A 131 -28.74 -16.18 -6.25
CA ARG A 131 -28.98 -17.37 -5.44
C ARG A 131 -30.07 -17.11 -4.39
N GLU A 132 -30.04 -15.91 -3.84
CA GLU A 132 -30.97 -15.48 -2.81
C GLU A 132 -32.44 -15.73 -3.17
N TYR A 133 -32.76 -15.64 -4.45
CA TYR A 133 -34.15 -15.71 -4.90
C TYR A 133 -34.57 -17.11 -5.37
N HIS A 134 -33.63 -18.05 -5.38
CA HIS A 134 -33.88 -19.38 -5.93
C HIS A 134 -35.02 -20.09 -5.20
N TYR A 135 -35.09 -19.91 -3.88
CA TYR A 135 -36.23 -20.35 -3.09
C TYR A 135 -36.51 -21.87 -3.12
N GLY A 136 -35.67 -22.64 -3.81
CA GLY A 136 -35.89 -24.07 -3.87
C GLY A 136 -34.89 -24.88 -4.69
N ASN A 137 -35.05 -26.20 -4.62
CA ASN A 137 -34.16 -27.13 -5.32
C ASN A 137 -34.46 -27.19 -6.82
N ASN A 138 -33.45 -27.52 -7.61
CA ASN A 138 -33.59 -27.63 -9.06
C ASN A 138 -34.14 -26.34 -9.68
N PHE A 139 -33.46 -25.24 -9.43
CA PHE A 139 -33.90 -23.94 -9.94
C PHE A 139 -33.62 -23.82 -11.43
N GLY A 140 -34.44 -23.03 -12.12
CA GLY A 140 -34.27 -22.80 -13.55
C GLY A 140 -35.15 -21.69 -14.07
N TYR A 141 -35.16 -21.53 -15.40
CA TYR A 141 -36.02 -20.56 -16.07
C TYR A 141 -36.79 -21.19 -17.22
N ILE A 142 -38.03 -20.75 -17.41
CA ILE A 142 -38.82 -21.11 -18.59
C ILE A 142 -38.99 -19.89 -19.47
N VAL A 143 -38.54 -19.99 -20.71
CA VAL A 143 -38.61 -18.89 -21.66
C VAL A 143 -39.81 -19.10 -22.58
N ALA A 144 -40.61 -18.04 -22.76
CA ALA A 144 -41.78 -18.10 -23.62
C ALA A 144 -41.73 -17.01 -24.69
N PHE A 145 -42.14 -17.35 -25.90
CA PHE A 145 -42.09 -16.41 -27.01
C PHE A 145 -43.05 -16.78 -28.14
N LYS A 146 -43.62 -15.75 -28.77
CA LYS A 146 -44.50 -15.94 -29.93
C LYS A 146 -44.33 -14.77 -30.91
N PRO A 147 -44.46 -15.05 -32.22
CA PRO A 147 -44.55 -13.96 -33.20
C PRO A 147 -45.65 -12.98 -32.81
N PHE A 148 -45.40 -11.69 -32.98
CA PHE A 148 -46.30 -10.67 -32.44
C PHE A 148 -47.74 -10.82 -32.95
N GLY A 149 -48.67 -10.88 -32.00
CA GLY A 149 -50.09 -10.94 -32.33
C GLY A 149 -50.60 -12.33 -32.62
N GLU A 150 -49.86 -13.35 -32.20
CA GLU A 150 -50.29 -14.74 -32.34
C GLU A 150 -51.05 -15.20 -31.10
N LYS A 151 -51.52 -16.44 -31.11
CA LYS A 151 -52.28 -17.01 -30.01
C LYS A 151 -51.40 -17.76 -29.03
N GLU A 152 -50.66 -18.76 -29.53
CA GLU A 152 -49.91 -19.67 -28.68
C GLU A 152 -48.46 -19.22 -28.44
N TRP A 153 -47.97 -19.48 -27.22
CA TRP A 153 -46.56 -19.28 -26.89
C TRP A 153 -45.77 -20.57 -27.07
N ARG A 154 -44.51 -20.43 -27.43
CA ARG A 154 -43.57 -21.55 -27.44
C ARG A 154 -42.77 -21.50 -26.15
N ARG A 155 -42.79 -22.59 -25.38
CA ARG A 155 -42.03 -22.66 -24.13
C ARG A 155 -40.77 -23.51 -24.29
N VAL A 156 -39.68 -23.04 -23.69
CA VAL A 156 -38.44 -23.80 -23.62
C VAL A 156 -37.87 -23.69 -22.22
N THR A 157 -37.31 -24.78 -21.72
CA THR A 157 -36.79 -24.83 -20.36
C THR A 157 -35.28 -24.66 -20.36
N VAL A 158 -34.79 -23.83 -19.44
CA VAL A 158 -33.36 -23.57 -19.29
C VAL A 158 -32.91 -23.99 -17.88
N THR A 159 -32.09 -25.03 -17.81
CA THR A 159 -31.67 -25.61 -16.54
C THR A 159 -30.40 -24.97 -16.00
N ASN A 160 -30.12 -23.75 -16.45
CA ASN A 160 -28.92 -23.02 -16.09
C ASN A 160 -29.29 -21.79 -15.25
N PRO A 161 -29.24 -21.91 -13.91
CA PRO A 161 -29.58 -20.79 -13.03
C PRO A 161 -28.63 -19.59 -13.21
N GLU A 162 -27.49 -19.82 -13.86
CA GLU A 162 -26.44 -18.82 -13.95
C GLU A 162 -26.31 -18.16 -15.32
N ILE A 163 -27.21 -18.48 -16.25
CA ILE A 163 -27.21 -17.86 -17.57
C ILE A 163 -28.47 -17.04 -17.78
N GLY A 164 -28.30 -15.94 -18.47
CA GLY A 164 -29.38 -15.02 -18.75
C GLY A 164 -29.56 -14.84 -20.25
N ARG A 165 -29.55 -15.96 -20.97
CA ARG A 165 -29.63 -15.90 -22.42
C ARG A 165 -30.11 -17.21 -23.03
N TYR A 166 -31.04 -17.11 -23.98
CA TYR A 166 -31.43 -18.26 -24.80
C TYR A 166 -31.46 -17.86 -26.27
N VAL A 167 -30.95 -18.75 -27.11
CA VAL A 167 -30.90 -18.52 -28.56
C VAL A 167 -31.76 -19.53 -29.30
N HIS A 168 -32.89 -19.06 -29.84
CA HIS A 168 -33.80 -19.91 -30.59
C HIS A 168 -33.46 -19.90 -32.07
N LYS A 169 -33.34 -21.08 -32.66
CA LYS A 169 -32.98 -21.21 -34.06
C LYS A 169 -34.15 -21.77 -34.86
N ASP A 170 -34.51 -21.04 -35.91
CA ASP A 170 -35.63 -21.42 -36.77
C ASP A 170 -35.36 -20.95 -38.19
N GLU A 171 -35.11 -21.90 -39.09
CA GLU A 171 -34.76 -21.57 -40.46
C GLU A 171 -35.87 -20.83 -41.19
N SER A 172 -37.10 -21.00 -40.73
CA SER A 172 -38.26 -20.39 -41.37
C SER A 172 -38.39 -18.90 -41.02
N MET A 173 -37.73 -18.48 -39.94
CA MET A 173 -37.86 -17.10 -39.45
C MET A 173 -37.36 -16.07 -40.46
N PRO A 174 -38.26 -15.17 -40.92
CA PRO A 174 -37.77 -14.04 -41.72
C PRO A 174 -36.89 -13.13 -40.87
N PRO A 175 -36.03 -12.32 -41.52
CA PRO A 175 -35.13 -11.47 -40.74
C PRO A 175 -35.88 -10.32 -40.07
N SER A 176 -35.49 -9.99 -38.84
CA SER A 176 -36.08 -8.88 -38.10
C SER A 176 -37.57 -9.09 -37.84
N THR A 177 -37.96 -10.35 -37.61
CA THR A 177 -39.34 -10.67 -37.26
C THR A 177 -39.66 -10.18 -35.85
N GLN A 178 -40.74 -9.43 -35.72
CA GLN A 178 -41.16 -8.91 -34.42
C GLN A 178 -41.68 -10.04 -33.54
N TYR A 179 -41.29 -10.02 -32.27
CA TYR A 179 -41.64 -11.09 -31.33
C TYR A 179 -42.01 -10.57 -29.94
N GLN A 180 -42.99 -11.24 -29.33
CA GLN A 180 -43.31 -11.04 -27.92
C GLN A 180 -42.60 -12.12 -27.11
N VAL A 181 -41.84 -11.70 -26.09
CA VAL A 181 -41.03 -12.62 -25.31
C VAL A 181 -41.10 -12.32 -23.81
N LYS A 182 -40.94 -13.36 -23.00
CA LYS A 182 -40.95 -13.22 -21.54
C LYS A 182 -40.32 -14.43 -20.86
N VAL A 183 -40.01 -14.28 -19.57
CA VAL A 183 -39.31 -15.29 -18.81
C VAL A 183 -39.86 -15.41 -17.38
N LYS A 184 -40.00 -16.64 -16.90
CA LYS A 184 -40.31 -16.89 -15.50
C LYS A 184 -39.29 -17.83 -14.87
N ALA A 185 -39.11 -17.71 -13.57
CA ALA A 185 -38.24 -18.61 -12.82
C ALA A 185 -39.05 -19.83 -12.36
N PHE A 186 -38.37 -20.86 -11.90
CA PHE A 186 -39.04 -22.03 -11.36
C PHE A 186 -38.08 -22.89 -10.55
N ASN A 187 -38.64 -23.68 -9.64
CA ASN A 187 -37.89 -24.67 -8.90
C ASN A 187 -38.77 -25.91 -8.66
N SER A 188 -38.26 -26.86 -7.89
CA SER A 188 -38.97 -28.12 -7.66
C SER A 188 -40.33 -27.93 -6.97
N LYS A 189 -40.54 -26.76 -6.37
CA LYS A 189 -41.76 -26.49 -5.62
C LYS A 189 -42.84 -25.82 -6.48
N GLY A 190 -42.45 -25.25 -7.61
CA GLY A 190 -43.40 -24.62 -8.51
C GLY A 190 -42.81 -23.47 -9.31
N ASP A 191 -43.69 -22.73 -9.99
CA ASP A 191 -43.27 -21.65 -10.88
C ASP A 191 -43.29 -20.29 -10.19
N GLY A 192 -42.36 -19.43 -10.60
CA GLY A 192 -42.36 -18.04 -10.19
C GLY A 192 -43.16 -17.20 -11.16
N PRO A 193 -43.37 -15.92 -10.83
CA PRO A 193 -44.14 -15.04 -11.71
C PRO A 193 -43.39 -14.67 -12.99
N PHE A 194 -44.11 -14.62 -14.11
CA PHE A 194 -43.52 -14.21 -15.37
C PHE A 194 -43.00 -12.79 -15.29
N SER A 195 -42.01 -12.49 -16.13
CA SER A 195 -41.45 -11.15 -16.22
C SER A 195 -42.37 -10.26 -17.06
N LEU A 196 -41.98 -9.00 -17.21
CA LEU A 196 -42.65 -8.12 -18.14
C LEU A 196 -42.47 -8.68 -19.55
N THR A 197 -43.42 -8.37 -20.44
CA THR A 197 -43.34 -8.83 -21.82
C THR A 197 -42.62 -7.80 -22.68
N ALA A 198 -41.50 -8.21 -23.26
CA ALA A 198 -40.69 -7.35 -24.12
C ALA A 198 -40.96 -7.66 -25.59
N VAL A 199 -40.74 -6.67 -26.45
CA VAL A 199 -40.84 -6.84 -27.89
C VAL A 199 -39.47 -6.77 -28.54
N ILE A 200 -38.98 -7.92 -29.02
CA ILE A 200 -37.68 -8.01 -29.65
C ILE A 200 -37.81 -8.47 -31.10
N TYR A 201 -36.81 -8.16 -31.91
CA TYR A 201 -36.79 -8.57 -33.30
C TYR A 201 -35.73 -9.64 -33.53
N SER A 202 -36.02 -10.59 -34.41
CA SER A 202 -35.08 -11.66 -34.71
C SER A 202 -33.86 -11.11 -35.43
N ALA A 203 -32.83 -11.94 -35.58
CA ALA A 203 -31.62 -11.52 -36.27
C ALA A 203 -31.91 -11.17 -37.72
N GLN A 204 -31.18 -10.20 -38.25
CA GLN A 204 -31.23 -9.91 -39.68
C GLN A 204 -30.31 -10.90 -40.39
N ASP A 205 -30.45 -11.05 -41.69
CA ASP A 205 -29.57 -11.93 -42.44
C ASP A 205 -28.24 -11.24 -42.71
N ALA A 206 -27.16 -12.01 -42.68
CA ALA A 206 -25.86 -11.51 -43.09
C ALA A 206 -25.91 -11.18 -44.58
N PRO A 207 -25.12 -10.18 -45.02
CA PRO A 207 -25.04 -9.91 -46.46
C PRO A 207 -24.56 -11.15 -47.23
N THR A 208 -25.10 -11.36 -48.42
CA THR A 208 -24.74 -12.51 -49.23
C THR A 208 -23.87 -12.13 -50.42
N GLU A 209 -23.89 -10.85 -50.79
CA GLU A 209 -23.20 -10.39 -51.98
C GLU A 209 -21.76 -9.98 -51.68
N VAL A 210 -20.97 -9.88 -52.73
CA VAL A 210 -19.53 -9.68 -52.62
C VAL A 210 -19.14 -8.26 -53.05
N PRO A 211 -18.19 -7.63 -52.33
CA PRO A 211 -17.65 -6.37 -52.85
C PRO A 211 -16.97 -6.58 -54.21
N THR A 212 -17.42 -5.82 -55.22
CA THR A 212 -16.87 -5.94 -56.57
C THR A 212 -15.86 -4.84 -56.87
N ASP A 213 -15.15 -4.99 -57.99
CA ASP A 213 -14.17 -4.02 -58.46
C ASP A 213 -13.12 -3.71 -57.42
N VAL A 214 -12.71 -4.72 -56.67
CA VAL A 214 -11.70 -4.52 -55.64
C VAL A 214 -10.33 -4.36 -56.29
N SER A 215 -9.63 -3.31 -55.87
CA SER A 215 -8.30 -3.02 -56.40
C SER A 215 -7.38 -2.56 -55.28
N VAL A 216 -6.08 -2.83 -55.44
CA VAL A 216 -5.08 -2.43 -54.45
C VAL A 216 -3.93 -1.68 -55.12
N LYS A 217 -3.60 -0.52 -54.55
CA LYS A 217 -2.56 0.35 -55.10
C LYS A 217 -1.43 0.51 -54.09
N VAL A 218 -0.28 -0.08 -54.40
CA VAL A 218 0.88 -0.01 -53.52
C VAL A 218 1.42 1.41 -53.47
N LEU A 219 1.42 2.00 -52.28
CA LEU A 219 1.74 3.41 -52.09
C LEU A 219 3.20 3.64 -51.73
N SER A 220 3.74 2.74 -50.92
CA SER A 220 5.11 2.89 -50.42
C SER A 220 5.68 1.54 -50.01
N SER A 221 6.70 1.58 -49.17
CA SER A 221 7.33 0.37 -48.65
C SER A 221 6.51 -0.25 -47.51
N SER A 222 5.51 0.49 -47.01
CA SER A 222 4.75 0.06 -45.85
C SER A 222 3.27 0.35 -45.96
N GLU A 223 2.84 0.85 -47.12
CA GLU A 223 1.45 1.29 -47.28
C GLU A 223 0.85 0.85 -48.61
N ILE A 224 -0.41 0.41 -48.55
CA ILE A 224 -1.20 0.11 -49.74
C ILE A 224 -2.60 0.72 -49.60
N SER A 225 -3.22 1.05 -50.72
CA SER A 225 -4.57 1.60 -50.74
C SER A 225 -5.53 0.59 -51.34
N VAL A 226 -6.60 0.30 -50.60
CA VAL A 226 -7.58 -0.71 -51.00
C VAL A 226 -8.90 -0.03 -51.33
N SER A 227 -9.40 -0.26 -52.54
CA SER A 227 -10.64 0.36 -53.00
C SER A 227 -11.62 -0.72 -53.45
N TRP A 228 -12.91 -0.40 -53.43
CA TRP A 228 -13.93 -1.35 -53.86
C TRP A 228 -15.26 -0.71 -54.24
N HIS A 229 -16.11 -1.51 -54.88
CA HIS A 229 -17.46 -1.12 -55.26
C HIS A 229 -18.42 -1.53 -54.16
N HIS A 230 -19.34 -0.64 -53.80
CA HIS A 230 -20.32 -0.93 -52.76
C HIS A 230 -21.37 -1.94 -53.24
N VAL A 231 -21.78 -2.82 -52.32
CA VAL A 231 -22.91 -3.69 -52.58
C VAL A 231 -24.18 -2.87 -52.34
N THR A 232 -25.34 -3.42 -52.72
CA THR A 232 -26.57 -2.66 -52.74
C THR A 232 -27.57 -3.07 -51.67
N GLU A 233 -27.24 -4.10 -50.89
CA GLU A 233 -28.13 -4.57 -49.83
C GLU A 233 -28.29 -3.49 -48.76
N LYS A 234 -29.54 -3.16 -48.45
CA LYS A 234 -29.86 -2.07 -47.54
C LYS A 234 -29.24 -2.26 -46.16
N SER A 235 -29.14 -3.51 -45.73
CA SER A 235 -28.76 -3.83 -44.35
C SER A 235 -27.29 -3.60 -44.04
N VAL A 236 -26.46 -3.56 -45.08
CA VAL A 236 -25.00 -3.48 -44.88
C VAL A 236 -24.58 -2.25 -44.10
N GLU A 237 -23.78 -2.48 -43.06
CA GLU A 237 -23.41 -1.44 -42.10
C GLU A 237 -21.96 -0.99 -42.28
N GLY A 238 -21.15 -1.83 -42.90
CA GLY A 238 -19.75 -1.51 -43.12
C GLY A 238 -19.02 -2.61 -43.88
N TYR A 239 -17.72 -2.43 -44.06
CA TYR A 239 -16.88 -3.38 -44.79
C TYR A 239 -15.63 -3.74 -44.02
N GLN A 240 -15.27 -5.02 -44.03
CA GLN A 240 -14.07 -5.51 -43.37
C GLN A 240 -12.99 -5.81 -44.40
N ILE A 241 -11.80 -5.25 -44.18
CA ILE A 241 -10.66 -5.52 -45.04
C ILE A 241 -9.63 -6.40 -44.32
N ARG A 242 -9.51 -7.65 -44.76
CA ARG A 242 -8.50 -8.54 -44.23
C ARG A 242 -7.22 -8.41 -45.07
N TYR A 243 -6.07 -8.42 -44.39
CA TYR A 243 -4.80 -8.49 -45.11
C TYR A 243 -3.79 -9.30 -44.30
N TRP A 244 -3.22 -10.31 -44.96
CA TRP A 244 -2.19 -11.14 -44.35
C TRP A 244 -1.08 -11.40 -45.36
N ALA A 245 0.15 -11.56 -44.86
CA ALA A 245 1.31 -11.74 -45.71
C ALA A 245 1.43 -13.18 -46.20
N ALA A 246 2.30 -13.39 -47.18
CA ALA A 246 2.50 -14.70 -47.78
C ALA A 246 2.90 -15.75 -46.73
N HIS A 247 3.72 -15.33 -45.78
CA HIS A 247 4.25 -16.24 -44.77
C HIS A 247 3.36 -16.26 -43.53
N ASP A 248 2.05 -16.11 -43.74
CA ASP A 248 1.09 -16.12 -42.65
C ASP A 248 -0.11 -17.00 -43.00
N LYS A 249 -0.70 -17.62 -41.98
CA LYS A 249 -1.94 -18.36 -42.15
C LYS A 249 -3.09 -17.36 -42.32
N GLU A 250 -4.01 -17.68 -43.23
CA GLU A 250 -5.12 -16.78 -43.54
C GLU A 250 -5.95 -16.41 -42.30
N ALA A 251 -6.10 -17.37 -41.40
CA ALA A 251 -6.90 -17.16 -40.20
C ALA A 251 -6.16 -16.31 -39.17
N ALA A 252 -4.92 -15.94 -39.48
CA ALA A 252 -4.13 -15.05 -38.63
C ALA A 252 -3.96 -13.69 -39.29
N ALA A 253 -4.98 -13.28 -40.04
CA ALA A 253 -4.93 -12.04 -40.81
C ALA A 253 -5.26 -10.84 -39.94
N GLN A 254 -4.72 -9.68 -40.32
CA GLN A 254 -5.09 -8.42 -39.68
C GLN A 254 -6.38 -7.91 -40.30
N ARG A 255 -7.06 -7.02 -39.59
CA ARG A 255 -8.37 -6.54 -40.01
C ARG A 255 -8.55 -5.05 -39.80
N VAL A 256 -9.42 -4.48 -40.62
CA VAL A 256 -9.83 -3.09 -40.52
C VAL A 256 -11.30 -3.01 -40.87
N GLN A 257 -12.05 -2.20 -40.13
CA GLN A 257 -13.47 -2.03 -40.35
C GLN A 257 -13.80 -0.57 -40.62
N VAL A 258 -14.51 -0.34 -41.72
CA VAL A 258 -14.93 1.01 -42.09
C VAL A 258 -16.46 1.05 -42.22
N SER A 259 -17.03 2.24 -42.09
CA SER A 259 -18.46 2.41 -42.23
C SER A 259 -18.90 2.04 -43.65
N ASN A 260 -20.21 1.97 -43.87
CA ASN A 260 -20.75 1.65 -45.19
C ASN A 260 -20.68 2.86 -46.13
N GLN A 261 -19.98 3.91 -45.71
CA GLN A 261 -19.90 5.15 -46.45
C GLN A 261 -18.44 5.42 -46.84
N GLU A 262 -17.65 4.35 -46.90
CA GLU A 262 -16.26 4.41 -47.30
C GLU A 262 -16.03 3.49 -48.50
N TYR A 263 -15.35 4.00 -49.53
CA TYR A 263 -15.10 3.23 -50.74
C TYR A 263 -13.66 2.75 -50.79
N SER A 264 -12.82 3.25 -49.89
CA SER A 264 -11.42 2.84 -49.82
C SER A 264 -10.83 3.02 -48.43
N THR A 265 -9.68 2.37 -48.19
CA THR A 265 -8.94 2.53 -46.94
C THR A 265 -7.45 2.33 -47.16
N LYS A 266 -6.64 3.08 -46.41
CA LYS A 266 -5.19 2.95 -46.51
C LYS A 266 -4.66 2.07 -45.37
N LEU A 267 -3.90 1.05 -45.73
CA LEU A 267 -3.31 0.14 -44.75
C LEU A 267 -1.85 0.53 -44.49
N GLU A 268 -1.50 0.73 -43.23
CA GLU A 268 -0.17 1.19 -42.86
C GLU A 268 0.67 0.10 -42.17
N ASN A 269 1.93 0.42 -41.90
CA ASN A 269 2.82 -0.43 -41.10
C ASN A 269 3.10 -1.81 -41.70
N LEU A 270 2.90 -1.96 -43.01
CA LEU A 270 3.24 -3.21 -43.68
C LEU A 270 4.76 -3.34 -43.78
N LYS A 271 5.25 -4.56 -43.94
CA LYS A 271 6.69 -4.79 -44.09
C LYS A 271 7.13 -4.53 -45.53
N PRO A 272 8.34 -3.96 -45.72
CA PRO A 272 8.82 -3.71 -47.10
C PRO A 272 9.13 -4.97 -47.89
N ASN A 273 8.97 -4.89 -49.20
CA ASN A 273 9.30 -5.98 -50.12
C ASN A 273 8.65 -7.29 -49.67
N THR A 274 7.35 -7.24 -49.44
CA THR A 274 6.63 -8.36 -48.85
C THR A 274 5.30 -8.60 -49.56
N ARG A 275 5.03 -9.87 -49.88
CA ARG A 275 3.80 -10.23 -50.59
C ARG A 275 2.63 -10.25 -49.61
N TYR A 276 1.55 -9.54 -49.96
CA TYR A 276 0.36 -9.45 -49.11
C TYR A 276 -0.91 -9.88 -49.85
N HIS A 277 -1.72 -10.71 -49.20
CA HIS A 277 -3.05 -11.05 -49.69
C HIS A 277 -4.05 -10.04 -49.12
N ILE A 278 -5.02 -9.62 -49.92
CA ILE A 278 -5.99 -8.62 -49.48
C ILE A 278 -7.44 -9.07 -49.75
N ASP A 279 -8.32 -8.73 -48.82
CA ASP A 279 -9.71 -9.16 -48.83
C ASP A 279 -10.62 -7.99 -48.52
N VAL A 280 -11.84 -8.03 -49.06
CA VAL A 280 -12.89 -7.08 -48.68
C VAL A 280 -14.22 -7.83 -48.61
N SER A 281 -14.97 -7.59 -47.53
CA SER A 281 -16.29 -8.19 -47.35
C SER A 281 -17.25 -7.21 -46.69
N ALA A 282 -18.54 -7.45 -46.88
CA ALA A 282 -19.60 -6.63 -46.30
C ALA A 282 -20.09 -7.27 -45.01
N PHE A 283 -20.61 -6.47 -44.09
CA PHE A 283 -21.15 -7.01 -42.84
C PHE A 283 -22.30 -6.19 -42.27
N ASN A 284 -23.13 -6.85 -41.46
CA ASN A 284 -24.09 -6.17 -40.61
C ASN A 284 -24.07 -6.85 -39.24
N SER A 285 -25.09 -6.64 -38.42
CA SER A 285 -25.09 -7.15 -37.06
C SER A 285 -25.11 -8.67 -36.98
N ALA A 286 -25.36 -9.33 -38.11
CA ALA A 286 -25.48 -10.79 -38.15
C ALA A 286 -24.25 -11.48 -38.74
N GLY A 287 -23.21 -10.70 -39.06
CA GLY A 287 -21.94 -11.26 -39.49
C GLY A 287 -21.44 -10.79 -40.84
N TYR A 288 -20.55 -11.58 -41.43
CA TYR A 288 -19.85 -11.20 -42.65
C TYR A 288 -20.32 -11.98 -43.86
N GLY A 289 -20.49 -11.28 -44.98
CA GLY A 289 -20.79 -11.91 -46.25
C GLY A 289 -19.53 -12.47 -46.86
N PRO A 290 -19.64 -13.11 -48.04
CA PRO A 290 -18.45 -13.67 -48.68
C PRO A 290 -17.41 -12.59 -48.98
N PRO A 291 -16.11 -12.92 -48.85
CA PRO A 291 -15.09 -11.91 -49.17
C PRO A 291 -14.82 -11.85 -50.67
N SER A 292 -14.32 -10.72 -51.14
CA SER A 292 -13.94 -10.58 -52.55
C SER A 292 -12.83 -11.57 -52.89
N ARG A 293 -12.63 -11.81 -54.18
CA ARG A 293 -11.52 -12.65 -54.61
C ARG A 293 -10.22 -12.03 -54.14
N THR A 294 -9.33 -12.85 -53.60
CA THR A 294 -8.09 -12.37 -53.02
C THR A 294 -7.20 -11.71 -54.06
N ILE A 295 -6.64 -10.56 -53.70
CA ILE A 295 -5.72 -9.81 -54.55
C ILE A 295 -4.34 -9.77 -53.90
N ASP A 296 -3.31 -10.08 -54.69
CA ASP A 296 -1.94 -10.10 -54.19
C ASP A 296 -1.14 -8.91 -54.71
N ILE A 297 -0.28 -8.39 -53.84
CA ILE A 297 0.64 -7.31 -54.19
C ILE A 297 1.93 -7.47 -53.41
N ILE A 298 2.97 -6.76 -53.84
CA ILE A 298 4.21 -6.65 -53.07
C ILE A 298 4.40 -5.19 -52.67
N THR A 299 4.84 -4.97 -51.44
CA THR A 299 5.21 -3.63 -51.02
C THR A 299 6.54 -3.25 -51.64
N ARG A 300 6.82 -1.96 -51.72
CA ARG A 300 8.08 -1.48 -52.28
C ARG A 300 9.24 -1.87 -51.37
N LYS A 301 10.45 -1.89 -51.94
CA LYS A 301 11.64 -2.26 -51.20
C LYS A 301 12.10 -1.12 -50.28
N GLY B 1 34.17 61.23 6.93
CA GLY B 1 32.99 60.42 6.48
C GLY B 1 32.63 59.32 7.45
N PRO B 2 31.59 58.54 7.13
CA PRO B 2 31.11 57.45 7.99
C PRO B 2 31.99 56.19 7.94
N PRO B 3 31.78 55.24 8.88
CA PRO B 3 32.62 54.06 9.10
C PRO B 3 32.90 53.22 7.86
N GLY B 4 34.09 52.63 7.84
CA GLY B 4 34.45 51.66 6.82
C GLY B 4 33.95 50.27 7.21
N PRO B 5 33.93 49.35 6.24
CA PRO B 5 33.42 48.00 6.50
C PRO B 5 34.29 47.20 7.48
N PRO B 6 33.66 46.50 8.45
CA PRO B 6 34.42 45.56 9.26
C PRO B 6 34.88 44.35 8.44
N GLY B 7 35.69 43.49 9.04
CA GLY B 7 36.17 42.30 8.35
C GLY B 7 36.67 41.25 9.32
N GLY B 8 37.18 40.16 8.76
CA GLY B 8 37.73 39.08 9.56
C GLY B 8 36.71 38.44 10.49
N ILE B 9 35.50 38.24 9.98
CA ILE B 9 34.46 37.58 10.76
C ILE B 9 34.83 36.13 11.03
N ARG B 10 34.71 35.73 12.29
CA ARG B 10 34.94 34.35 12.70
C ARG B 10 33.72 33.85 13.46
N ILE B 11 33.27 32.66 13.09
CA ILE B 11 32.09 32.05 13.72
C ILE B 11 32.53 30.90 14.63
N GLU B 12 32.02 30.92 15.86
CA GLU B 12 32.34 29.87 16.83
C GLU B 12 31.14 29.55 17.71
N GLU B 13 31.23 28.44 18.44
CA GLU B 13 30.19 28.00 19.36
C GLU B 13 28.82 27.96 18.70
N ILE B 14 28.76 27.35 17.52
CA ILE B 14 27.50 27.16 16.81
C ILE B 14 26.57 26.21 17.55
N ARG B 15 25.42 26.73 17.97
CA ARG B 15 24.37 25.92 18.60
C ARG B 15 23.16 25.89 17.67
N ASP B 16 22.00 25.55 18.22
CA ASP B 16 20.79 25.41 17.42
C ASP B 16 20.17 26.76 17.08
N THR B 17 20.13 27.68 18.03
CA THR B 17 19.47 28.96 17.84
C THR B 17 20.42 30.14 18.01
N ALA B 18 21.71 29.84 18.14
CA ALA B 18 22.67 30.88 18.48
C ALA B 18 24.03 30.66 17.85
N VAL B 19 24.75 31.75 17.69
CA VAL B 19 26.08 31.76 17.11
C VAL B 19 26.90 32.84 17.79
N ALA B 20 28.17 32.54 18.06
CA ALA B 20 29.10 33.53 18.59
C ALA B 20 29.99 34.06 17.46
N LEU B 21 30.09 35.38 17.38
CA LEU B 21 30.88 36.03 16.35
C LEU B 21 31.98 36.89 16.93
N THR B 22 33.10 36.94 16.20
CA THR B 22 34.17 37.89 16.46
C THR B 22 34.58 38.48 15.13
N TRP B 23 35.12 39.71 15.16
CA TRP B 23 35.47 40.40 13.93
C TRP B 23 36.53 41.47 14.19
N SER B 24 37.15 41.95 13.12
CA SER B 24 38.12 43.05 13.20
C SER B 24 37.47 44.34 12.70
N ARG B 25 37.50 45.37 13.53
CA ARG B 25 36.89 46.65 13.18
C ARG B 25 37.59 47.31 12.02
N GLY B 26 36.84 48.05 11.22
CA GLY B 26 37.39 48.81 10.10
C GLY B 26 37.67 50.24 10.50
N THR B 27 37.93 51.09 9.51
CA THR B 27 38.23 52.49 9.77
C THR B 27 36.99 53.25 10.21
N ASP B 28 37.19 54.29 11.01
CA ASP B 28 36.10 55.10 11.54
C ASP B 28 36.08 56.50 10.91
N ASN B 29 37.23 56.93 10.42
CA ASN B 29 37.38 58.26 9.84
C ASN B 29 37.06 59.35 10.86
N ILE B 33 33.33 55.04 16.15
CA ILE B 33 32.23 54.08 16.08
C ILE B 33 31.43 54.10 17.38
N SER B 34 30.11 54.24 17.25
CA SER B 34 29.22 54.30 18.40
C SER B 34 28.50 52.97 18.65
N LYS B 35 28.27 52.20 17.58
CA LYS B 35 27.62 50.90 17.73
C LYS B 35 27.81 50.01 16.51
N TYR B 36 27.39 48.76 16.65
CA TYR B 36 27.45 47.79 15.56
C TYR B 36 26.08 47.18 15.28
N THR B 37 25.87 46.78 14.03
CA THR B 37 24.68 46.05 13.64
C THR B 37 25.10 44.74 12.97
N ILE B 38 24.36 43.67 13.24
CA ILE B 38 24.62 42.38 12.62
C ILE B 38 23.39 41.92 11.85
N GLN B 39 23.61 41.55 10.60
CA GLN B 39 22.54 41.05 9.75
C GLN B 39 22.76 39.58 9.43
N SER B 40 21.67 38.86 9.18
CA SER B 40 21.74 37.45 8.82
C SER B 40 21.01 37.20 7.51
N LYS B 41 21.49 36.20 6.76
CA LYS B 41 20.87 35.82 5.50
C LYS B 41 20.83 34.30 5.40
N THR B 42 19.65 33.76 5.14
CA THR B 42 19.47 32.33 5.02
C THR B 42 19.71 31.90 3.58
N PHE B 43 19.94 30.61 3.36
CA PHE B 43 20.18 30.08 2.02
C PHE B 43 18.86 29.89 1.26
N LEU B 44 17.76 30.40 1.84
CA LEU B 44 16.44 30.25 1.26
C LEU B 44 15.90 31.57 0.69
N SER B 45 16.40 32.70 1.21
CA SER B 45 15.91 34.01 0.81
C SER B 45 17.02 34.93 0.35
N GLU B 46 16.64 36.10 -0.16
CA GLU B 46 17.58 37.08 -0.68
C GLU B 46 17.94 38.13 0.36
N GLU B 47 16.92 38.65 1.03
CA GLU B 47 17.07 39.82 1.88
C GLU B 47 17.87 39.53 3.15
N TRP B 48 18.77 40.44 3.49
CA TRP B 48 19.43 40.43 4.78
C TRP B 48 18.42 40.91 5.83
N LYS B 49 18.63 40.50 7.08
CA LYS B 49 17.74 40.88 8.17
C LYS B 49 18.53 41.22 9.42
N ASP B 50 18.16 42.33 10.06
CA ASP B 50 18.78 42.72 11.32
C ASP B 50 18.57 41.62 12.36
N ALA B 51 19.68 41.12 12.90
CA ALA B 51 19.64 39.99 13.82
C ALA B 51 19.61 40.43 15.28
N LYS B 52 18.93 39.65 16.10
CA LYS B 52 18.93 39.85 17.54
C LYS B 52 20.32 39.49 18.05
N THR B 53 20.92 40.38 18.84
CA THR B 53 22.28 40.18 19.31
C THR B 53 22.34 40.08 20.83
N GLU B 54 23.45 39.54 21.31
CA GLU B 54 23.71 39.40 22.74
C GLU B 54 25.14 39.87 23.03
N PRO B 55 25.28 41.06 23.64
CA PRO B 55 24.23 41.97 24.12
C PRO B 55 23.40 42.57 22.99
N SER B 56 22.20 43.05 23.32
CA SER B 56 21.30 43.64 22.34
C SER B 56 21.91 44.91 21.75
N ASP B 57 22.69 45.60 22.57
CA ASP B 57 23.38 46.81 22.13
C ASP B 57 24.88 46.57 22.10
N ILE B 58 25.40 46.35 20.89
CA ILE B 58 26.83 46.14 20.69
C ILE B 58 27.54 47.50 20.63
N GLU B 59 28.54 47.68 21.48
CA GLU B 59 29.20 48.97 21.61
C GLU B 59 30.29 49.19 20.55
N GLY B 60 30.78 50.42 20.49
CA GLY B 60 31.74 50.82 19.48
C GLY B 60 33.10 50.18 19.62
N ASN B 61 33.49 49.89 20.87
CA ASN B 61 34.78 49.27 21.14
C ASN B 61 34.73 47.75 21.06
N MET B 62 33.53 47.22 20.78
CA MET B 62 33.34 45.77 20.74
C MET B 62 33.85 45.16 19.44
N GLU B 63 34.26 43.90 19.53
CA GLU B 63 34.69 43.12 18.38
C GLU B 63 34.20 41.69 18.52
N SER B 64 33.19 41.50 19.34
CA SER B 64 32.61 40.19 19.53
C SER B 64 31.18 40.34 19.92
N ALA B 65 30.37 39.37 19.58
CA ALA B 65 28.96 39.42 19.91
C ALA B 65 28.30 38.09 19.68
N ARG B 66 27.07 37.97 20.11
CA ARG B 66 26.34 36.75 19.91
C ARG B 66 25.05 37.00 19.17
N VAL B 67 24.83 36.22 18.13
CA VAL B 67 23.60 36.30 17.35
C VAL B 67 22.66 35.19 17.81
N ILE B 68 21.44 35.56 18.19
CA ILE B 68 20.48 34.63 18.79
C ILE B 68 19.16 34.61 18.02
N ASP B 69 18.21 33.83 18.52
CA ASP B 69 16.90 33.67 17.89
C ASP B 69 17.05 33.18 16.45
N LEU B 70 18.05 32.33 16.23
CA LEU B 70 18.25 31.70 14.92
C LEU B 70 17.40 30.44 14.80
N ILE B 71 17.09 30.08 13.55
CA ILE B 71 16.36 28.85 13.26
C ILE B 71 17.28 27.63 13.35
N PRO B 72 16.81 26.54 14.00
CA PRO B 72 17.65 25.32 14.04
C PRO B 72 17.79 24.65 12.68
N TRP B 73 18.96 24.04 12.42
CA TRP B 73 19.24 23.33 11.18
C TRP B 73 18.94 24.23 9.96
N MET B 74 19.45 25.46 10.01
CA MET B 74 19.26 26.44 8.96
C MET B 74 20.61 27.03 8.56
N GLU B 75 20.80 27.25 7.26
CA GLU B 75 22.09 27.74 6.77
C GLU B 75 22.10 29.27 6.78
N TYR B 76 23.18 29.86 7.29
CA TYR B 76 23.26 31.30 7.51
C TYR B 76 24.52 31.94 6.98
N GLU B 77 24.39 33.21 6.59
CA GLU B 77 25.54 34.09 6.42
C GLU B 77 25.34 35.28 7.34
N PHE B 78 26.44 35.86 7.80
CA PHE B 78 26.37 37.04 8.66
C PHE B 78 27.30 38.15 8.16
N ARG B 79 26.89 39.39 8.39
CA ARG B 79 27.73 40.55 8.10
C ARG B 79 27.54 41.61 9.17
N ILE B 80 28.62 42.34 9.48
CA ILE B 80 28.59 43.35 10.53
C ILE B 80 28.63 44.75 9.90
N ILE B 81 27.88 45.66 10.52
CA ILE B 81 27.79 47.05 10.07
C ILE B 81 28.15 47.98 11.23
N ALA B 82 28.98 48.98 10.93
CA ALA B 82 29.44 49.94 11.93
C ALA B 82 28.84 51.32 11.69
N THR B 83 28.58 52.05 12.78
CA THR B 83 28.04 53.40 12.70
C THR B 83 28.72 54.30 13.74
N ASN B 84 28.94 55.56 13.39
CA ASN B 84 29.42 56.57 14.33
C ASN B 84 28.58 57.84 14.22
N THR B 85 29.11 58.95 14.72
CA THR B 85 28.40 60.22 14.72
C THR B 85 28.02 60.71 13.31
N LEU B 86 28.67 60.17 12.28
CA LEU B 86 28.46 60.64 10.92
C LEU B 86 27.46 59.79 10.13
N GLY B 87 27.34 58.51 10.48
CA GLY B 87 26.33 57.66 9.86
C GLY B 87 26.65 56.18 9.77
N THR B 88 25.86 55.47 8.96
CA THR B 88 26.00 54.02 8.79
C THR B 88 27.05 53.69 7.74
N GLY B 89 27.98 52.82 8.12
CA GLY B 89 29.07 52.45 7.22
C GLY B 89 28.70 51.33 6.27
N GLU B 90 29.64 50.97 5.39
CA GLU B 90 29.46 49.86 4.47
C GLU B 90 29.29 48.57 5.25
N PRO B 91 28.40 47.68 4.78
CA PRO B 91 28.38 46.36 5.42
C PRO B 91 29.68 45.61 5.17
N SER B 92 30.10 44.79 6.13
CA SER B 92 31.27 43.94 5.94
C SER B 92 31.01 42.98 4.80
N MET B 93 32.05 42.35 4.29
CA MET B 93 31.86 41.22 3.40
C MET B 93 31.17 40.14 4.22
N PRO B 94 30.34 39.32 3.57
CA PRO B 94 29.62 38.28 4.32
C PRO B 94 30.57 37.25 4.94
N SER B 95 30.10 36.56 5.96
CA SER B 95 30.90 35.55 6.62
C SER B 95 30.86 34.25 5.85
N GLN B 96 31.52 33.23 6.38
CA GLN B 96 31.36 31.87 5.87
C GLN B 96 29.90 31.48 6.04
N ARG B 97 29.41 30.61 5.16
CA ARG B 97 28.08 30.05 5.34
C ARG B 97 28.16 28.88 6.32
N ILE B 98 27.29 28.90 7.33
CA ILE B 98 27.26 27.87 8.36
C ILE B 98 25.85 27.35 8.57
N ARG B 99 25.74 26.10 9.02
CA ARG B 99 24.45 25.51 9.37
C ARG B 99 24.33 25.33 10.87
N THR B 100 23.23 25.84 11.44
CA THR B 100 23.00 25.75 12.86
C THR B 100 22.71 24.31 13.28
N GLU B 101 22.96 24.01 14.54
CA GLU B 101 22.66 22.69 15.10
C GLU B 101 21.16 22.43 15.05
N GLY B 102 20.77 21.16 15.07
CA GLY B 102 19.38 20.78 15.01
C GLY B 102 18.67 20.83 16.34
N ALA B 103 17.34 20.76 16.30
CA ALA B 103 16.52 20.68 17.49
C ALA B 103 15.18 20.07 17.12
N PRO B 104 14.40 19.59 18.11
CA PRO B 104 13.12 18.97 17.77
C PRO B 104 12.19 19.94 17.04
N PRO B 105 11.41 19.45 16.07
CA PRO B 105 10.42 20.34 15.44
C PRO B 105 9.42 20.83 16.47
N ASN B 106 8.77 21.96 16.21
CA ASN B 106 7.75 22.50 17.11
C ASN B 106 6.49 22.86 16.34
N VAL B 107 6.35 22.28 15.16
CA VAL B 107 5.23 22.55 14.26
C VAL B 107 4.71 21.25 13.69
N ALA B 108 3.39 21.10 13.68
CA ALA B 108 2.77 19.93 13.07
C ALA B 108 2.55 20.21 11.58
N PRO B 109 2.58 19.16 10.75
CA PRO B 109 2.26 19.38 9.33
C PRO B 109 0.84 19.92 9.18
N SER B 110 0.62 20.79 8.21
CA SER B 110 -0.70 21.41 8.03
C SER B 110 -1.61 20.53 7.18
N ASP B 111 -2.91 20.75 7.32
CA ASP B 111 -3.90 20.15 6.44
C ASP B 111 -3.86 18.62 6.47
N VAL B 112 -3.83 18.06 7.67
CA VAL B 112 -3.87 16.60 7.83
C VAL B 112 -5.30 16.12 7.60
N GLY B 113 -5.45 15.12 6.75
CA GLY B 113 -6.76 14.58 6.42
C GLY B 113 -6.63 13.28 5.66
N GLY B 114 -7.50 13.09 4.67
CA GLY B 114 -7.46 11.89 3.85
C GLY B 114 -8.84 11.43 3.42
N GLY B 115 -8.89 10.24 2.83
CA GLY B 115 -10.12 9.66 2.31
C GLY B 115 -9.92 9.11 0.91
N GLY B 116 -10.90 8.35 0.44
CA GLY B 116 -10.84 7.80 -0.91
C GLY B 116 -9.83 6.69 -1.06
N GLY B 117 -9.63 6.27 -2.31
CA GLY B 117 -8.75 5.15 -2.63
C GLY B 117 -9.57 4.02 -3.22
N SER B 118 -8.91 2.91 -3.55
CA SER B 118 -9.60 1.73 -4.05
C SER B 118 -10.04 0.86 -2.88
N ASN B 119 -10.79 -0.19 -3.18
CA ASN B 119 -11.40 -1.05 -2.17
C ASN B 119 -10.45 -1.45 -1.05
N ARG B 120 -10.91 -1.32 0.19
CA ARG B 120 -10.13 -1.74 1.37
C ARG B 120 -8.80 -1.01 1.45
N GLU B 121 -8.87 0.32 1.37
CA GLU B 121 -7.70 1.18 1.60
C GLU B 121 -8.08 2.33 2.51
N LEU B 122 -7.14 2.72 3.38
CA LEU B 122 -7.27 3.94 4.16
C LEU B 122 -6.20 4.92 3.68
N THR B 123 -6.67 5.99 3.05
CA THR B 123 -5.79 6.97 2.44
C THR B 123 -5.63 8.20 3.33
N ILE B 124 -4.46 8.31 3.97
CA ILE B 124 -4.15 9.43 4.85
C ILE B 124 -3.28 10.43 4.10
N THR B 125 -3.61 11.72 4.21
CA THR B 125 -2.88 12.77 3.50
C THR B 125 -2.56 13.95 4.41
N TRP B 126 -1.46 14.63 4.11
CA TRP B 126 -1.07 15.86 4.78
C TRP B 126 -0.17 16.65 3.83
N MET B 127 0.06 17.93 4.11
CA MET B 127 1.01 18.69 3.31
C MET B 127 2.40 18.55 3.89
N PRO B 128 3.38 18.18 3.04
CA PRO B 128 4.76 18.12 3.54
C PRO B 128 5.21 19.43 4.14
N LEU B 129 6.05 19.34 5.17
CA LEU B 129 6.55 20.50 5.87
C LEU B 129 7.71 21.13 5.09
N SER B 130 7.60 22.43 4.83
CA SER B 130 8.64 23.12 4.07
C SER B 130 9.97 23.06 4.81
N ARG B 131 11.06 23.15 4.04
CA ARG B 131 12.41 22.91 4.54
C ARG B 131 12.74 23.67 5.82
N GLU B 132 12.32 24.92 5.92
CA GLU B 132 12.79 25.79 7.00
C GLU B 132 12.28 25.35 8.37
N TYR B 133 11.27 24.48 8.40
CA TYR B 133 10.71 24.00 9.66
C TYR B 133 11.19 22.59 10.02
N HIS B 134 12.06 22.01 9.20
CA HIS B 134 12.57 20.66 9.44
C HIS B 134 13.39 20.60 10.73
N TYR B 135 14.14 21.65 11.01
CA TYR B 135 14.83 21.83 12.29
C TYR B 135 15.86 20.76 12.62
N GLY B 136 16.12 19.81 11.73
CA GLY B 136 17.14 18.82 12.00
C GLY B 136 17.43 17.78 10.93
N ASN B 137 18.50 17.03 11.16
CA ASN B 137 18.91 15.91 10.32
C ASN B 137 17.88 14.78 10.35
N ASN B 138 17.81 14.02 9.26
CA ASN B 138 16.98 12.82 9.19
C ASN B 138 15.52 13.09 9.52
N PHE B 139 14.97 14.13 8.89
CA PHE B 139 13.59 14.55 9.12
C PHE B 139 12.59 13.58 8.52
N GLY B 140 11.47 13.37 9.21
CA GLY B 140 10.43 12.47 8.74
C GLY B 140 9.12 12.70 9.45
N TYR B 141 8.14 11.85 9.14
CA TYR B 141 6.82 11.93 9.75
C TYR B 141 6.44 10.63 10.45
N ILE B 142 5.73 10.77 11.56
CA ILE B 142 5.09 9.64 12.23
C ILE B 142 3.58 9.78 12.06
N VAL B 143 2.97 8.79 11.41
CA VAL B 143 1.55 8.83 11.09
C VAL B 143 0.78 7.90 12.03
N ALA B 144 -0.12 8.47 12.80
CA ALA B 144 -0.93 7.70 13.74
C ALA B 144 -2.37 7.62 13.28
N PHE B 145 -2.94 6.42 13.38
CA PHE B 145 -4.31 6.20 12.96
C PHE B 145 -4.94 5.03 13.72
N LYS B 146 -6.23 5.14 13.99
CA LYS B 146 -6.94 4.08 14.69
C LYS B 146 -8.44 4.18 14.39
N PRO B 147 -9.14 3.04 14.42
CA PRO B 147 -10.60 3.10 14.28
C PRO B 147 -11.23 3.86 15.43
N PHE B 148 -12.37 4.49 15.21
CA PHE B 148 -13.04 5.27 16.25
C PHE B 148 -13.25 4.42 17.50
N GLY B 149 -12.42 4.67 18.51
CA GLY B 149 -12.52 3.95 19.76
C GLY B 149 -12.01 2.52 19.66
N GLU B 150 -10.71 2.36 19.38
CA GLU B 150 -10.04 1.07 19.41
C GLU B 150 -8.96 1.05 20.51
N LYS B 151 -8.80 2.21 21.14
CA LYS B 151 -7.86 2.46 22.25
C LYS B 151 -6.42 2.67 21.76
N GLU B 152 -5.78 1.62 21.29
CA GLU B 152 -4.37 1.74 20.88
C GLU B 152 -4.22 2.25 19.44
N TRP B 153 -3.37 3.26 19.26
CA TRP B 153 -3.06 3.79 17.94
C TRP B 153 -2.11 2.88 17.18
N ARG B 154 -2.20 2.92 15.85
CA ARG B 154 -1.22 2.30 14.97
C ARG B 154 -0.31 3.38 14.41
N ARG B 155 1.00 3.12 14.42
CA ARG B 155 1.99 4.08 13.93
C ARG B 155 2.78 3.52 12.76
N VAL B 156 2.98 4.36 11.74
CA VAL B 156 3.90 4.05 10.65
C VAL B 156 4.82 5.25 10.43
N THR B 157 6.02 4.97 9.92
CA THR B 157 7.09 5.96 9.84
C THR B 157 7.46 6.30 8.41
N VAL B 158 7.29 7.57 8.04
CA VAL B 158 7.69 8.08 6.73
C VAL B 158 9.02 8.81 6.85
N THR B 159 10.04 8.31 6.15
CA THR B 159 11.39 8.85 6.25
C THR B 159 11.70 9.86 5.13
N ASN B 160 10.75 10.03 4.21
CA ASN B 160 10.91 10.98 3.11
C ASN B 160 10.17 12.29 3.40
N PRO B 161 10.91 13.38 3.66
CA PRO B 161 10.27 14.66 4.02
C PRO B 161 9.24 15.18 3.00
N GLU B 162 9.32 14.71 1.76
CA GLU B 162 8.51 15.26 0.67
C GLU B 162 7.23 14.47 0.42
N ILE B 163 7.05 13.37 1.14
CA ILE B 163 5.84 12.57 1.02
C ILE B 163 4.74 13.15 1.91
N GLY B 164 3.56 13.28 1.34
CA GLY B 164 2.41 13.86 2.03
C GLY B 164 1.22 12.91 2.02
N ARG B 165 1.49 11.61 1.99
CA ARG B 165 0.43 10.61 1.97
C ARG B 165 0.90 9.25 2.45
N TYR B 166 0.01 8.53 3.12
CA TYR B 166 0.22 7.13 3.44
C TYR B 166 -1.07 6.36 3.19
N VAL B 167 -0.97 5.33 2.36
CA VAL B 167 -2.11 4.47 2.04
C VAL B 167 -1.98 3.16 2.80
N HIS B 168 -2.85 2.98 3.78
CA HIS B 168 -2.88 1.77 4.58
C HIS B 168 -3.85 0.78 3.94
N LYS B 169 -3.42 -0.47 3.79
CA LYS B 169 -4.22 -1.49 3.12
C LYS B 169 -4.51 -2.66 4.05
N ASP B 170 -5.80 -2.94 4.24
CA ASP B 170 -6.26 -4.04 5.08
C ASP B 170 -7.58 -4.55 4.52
N GLU B 171 -7.62 -5.82 4.14
CA GLU B 171 -8.78 -6.35 3.41
C GLU B 171 -10.04 -6.43 4.25
N SER B 172 -9.90 -6.47 5.57
CA SER B 172 -11.01 -6.80 6.46
C SER B 172 -11.79 -5.58 6.94
N MET B 173 -11.28 -4.37 6.71
CA MET B 173 -11.97 -3.17 7.16
C MET B 173 -13.08 -2.77 6.19
N PRO B 174 -14.34 -2.78 6.65
CA PRO B 174 -15.44 -2.45 5.73
C PRO B 174 -15.31 -1.06 5.08
N PRO B 175 -16.04 -0.81 3.99
CA PRO B 175 -15.97 0.46 3.28
C PRO B 175 -16.41 1.65 4.13
N SER B 176 -15.75 2.79 3.94
CA SER B 176 -16.09 4.01 4.66
C SER B 176 -16.06 3.82 6.17
N THR B 177 -15.14 2.99 6.64
CA THR B 177 -14.90 2.86 8.07
C THR B 177 -14.33 4.18 8.59
N GLN B 178 -14.94 4.69 9.66
CA GLN B 178 -14.49 5.95 10.26
C GLN B 178 -13.17 5.75 10.98
N TYR B 179 -12.19 6.59 10.66
CA TYR B 179 -10.87 6.51 11.26
C TYR B 179 -10.40 7.84 11.82
N GLN B 180 -9.85 7.80 13.02
CA GLN B 180 -9.15 8.95 13.59
C GLN B 180 -7.72 8.93 13.08
N VAL B 181 -7.18 10.11 12.79
CA VAL B 181 -5.90 10.23 12.10
C VAL B 181 -5.15 11.49 12.55
N LYS B 182 -3.84 11.37 12.69
CA LYS B 182 -2.99 12.49 13.08
C LYS B 182 -1.54 12.24 12.71
N VAL B 183 -0.81 13.32 12.45
CA VAL B 183 0.58 13.24 11.99
C VAL B 183 1.47 14.27 12.69
N LYS B 184 2.68 13.84 13.06
CA LYS B 184 3.69 14.74 13.61
C LYS B 184 4.99 14.64 12.83
N ALA B 185 5.78 15.70 12.88
CA ALA B 185 7.11 15.71 12.30
C ALA B 185 8.13 15.30 13.35
N PHE B 186 9.26 14.79 12.90
CA PHE B 186 10.36 14.44 13.79
C PHE B 186 11.68 14.57 13.06
N ASN B 187 12.75 14.73 13.83
CA ASN B 187 14.11 14.64 13.31
C ASN B 187 14.98 13.90 14.31
N SER B 188 16.28 13.89 14.09
CA SER B 188 17.19 13.13 14.93
C SER B 188 17.31 13.70 16.35
N LYS B 189 16.71 14.86 16.57
CA LYS B 189 16.77 15.52 17.88
C LYS B 189 15.52 15.29 18.72
N GLY B 190 14.39 15.02 18.08
CA GLY B 190 13.14 14.82 18.79
C GLY B 190 11.89 14.88 17.94
N ASP B 191 10.75 15.06 18.60
CA ASP B 191 9.44 15.03 17.97
C ASP B 191 8.73 16.37 18.06
N GLY B 192 8.06 16.76 16.97
CA GLY B 192 7.16 17.90 16.99
C GLY B 192 5.81 17.44 17.52
N PRO B 193 4.88 18.39 17.71
CA PRO B 193 3.56 18.00 18.23
C PRO B 193 2.72 17.32 17.16
N PHE B 194 1.86 16.39 17.55
CA PHE B 194 0.91 15.82 16.62
C PHE B 194 0.00 16.91 16.10
N SER B 195 -0.43 16.76 14.86
CA SER B 195 -1.45 17.63 14.29
C SER B 195 -2.76 17.45 15.04
N LEU B 196 -3.70 18.35 14.79
CA LEU B 196 -5.08 18.15 15.19
C LEU B 196 -5.55 16.81 14.64
N THR B 197 -6.37 16.11 15.41
CA THR B 197 -6.86 14.81 14.98
C THR B 197 -7.93 14.98 13.93
N ALA B 198 -7.75 14.31 12.79
CA ALA B 198 -8.72 14.33 11.71
C ALA B 198 -9.53 13.04 11.70
N VAL B 199 -10.83 13.19 11.49
CA VAL B 199 -11.71 12.04 11.27
C VAL B 199 -11.90 11.84 9.77
N ILE B 200 -11.40 10.72 9.27
CA ILE B 200 -11.51 10.39 7.84
C ILE B 200 -12.23 9.06 7.65
N TYR B 201 -12.50 8.74 6.39
CA TYR B 201 -13.18 7.51 6.03
C TYR B 201 -12.30 6.67 5.13
N SER B 202 -12.36 5.36 5.32
CA SER B 202 -11.70 4.43 4.41
C SER B 202 -12.37 4.48 3.05
N ALA B 203 -11.71 3.87 2.06
CA ALA B 203 -12.20 3.90 0.69
C ALA B 203 -13.56 3.23 0.58
N GLN B 204 -14.39 3.76 -0.32
CA GLN B 204 -15.63 3.10 -0.71
C GLN B 204 -15.30 1.76 -1.35
N ASP B 205 -16.34 1.03 -1.74
CA ASP B 205 -16.17 -0.17 -2.55
C ASP B 205 -16.74 0.05 -3.93
N ALA B 206 -15.96 -0.31 -4.95
CA ALA B 206 -16.39 -0.17 -6.33
C ALA B 206 -17.67 -0.99 -6.53
N PRO B 207 -18.66 -0.43 -7.28
CA PRO B 207 -19.93 -1.14 -7.43
C PRO B 207 -19.78 -2.45 -8.18
N THR B 208 -20.75 -3.35 -8.01
CA THR B 208 -20.71 -4.65 -8.68
C THR B 208 -21.95 -4.86 -9.55
N GLU B 209 -23.07 -4.30 -9.14
CA GLU B 209 -24.34 -4.52 -9.83
C GLU B 209 -24.56 -3.55 -10.97
N VAL B 210 -24.84 -4.11 -12.15
CA VAL B 210 -24.99 -3.33 -13.37
C VAL B 210 -26.34 -2.63 -13.46
N PRO B 211 -26.39 -1.49 -14.16
CA PRO B 211 -27.70 -0.89 -14.45
C PRO B 211 -28.49 -1.74 -15.43
N THR B 212 -29.82 -1.76 -15.29
CA THR B 212 -30.68 -2.58 -16.14
C THR B 212 -31.74 -1.73 -16.83
N ASP B 213 -32.60 -2.39 -17.60
CA ASP B 213 -33.70 -1.72 -18.30
C ASP B 213 -33.21 -0.52 -19.10
N VAL B 214 -32.12 -0.70 -19.84
CA VAL B 214 -31.56 0.37 -20.63
C VAL B 214 -32.36 0.56 -21.91
N SER B 215 -33.21 1.59 -21.92
CA SER B 215 -33.97 1.97 -23.11
C SER B 215 -33.25 3.12 -23.81
N VAL B 216 -33.19 3.06 -25.13
CA VAL B 216 -32.33 3.95 -25.91
C VAL B 216 -33.03 4.46 -27.17
N LYS B 217 -34.18 5.10 -26.98
CA LYS B 217 -34.98 5.59 -28.11
C LYS B 217 -34.32 6.80 -28.77
N VAL B 218 -34.64 7.01 -30.05
CA VAL B 218 -33.97 8.03 -30.86
C VAL B 218 -34.82 9.28 -31.05
N LEU B 219 -34.19 10.44 -30.98
CA LEU B 219 -34.88 11.71 -31.23
C LEU B 219 -34.82 12.07 -32.71
N SER B 220 -33.62 12.17 -33.26
CA SER B 220 -33.43 12.52 -34.67
C SER B 220 -32.26 11.78 -35.31
N SER B 221 -31.64 12.41 -36.31
CA SER B 221 -30.62 11.76 -37.12
C SER B 221 -29.24 11.76 -36.45
N SER B 222 -28.98 12.77 -35.65
CA SER B 222 -27.73 12.88 -34.89
C SER B 222 -28.01 13.05 -33.41
N GLU B 223 -29.27 12.82 -33.02
CA GLU B 223 -29.68 12.89 -31.63
C GLU B 223 -30.17 11.53 -31.14
N ILE B 224 -30.02 11.31 -29.85
CA ILE B 224 -30.47 10.07 -29.22
C ILE B 224 -30.45 10.25 -27.71
N SER B 225 -31.45 9.70 -27.04
CA SER B 225 -31.53 9.73 -25.58
C SER B 225 -31.46 8.32 -25.03
N VAL B 226 -30.68 8.15 -23.97
CA VAL B 226 -30.53 6.87 -23.29
C VAL B 226 -31.05 6.96 -21.86
N SER B 227 -31.91 6.01 -21.51
CA SER B 227 -32.42 5.91 -20.14
C SER B 227 -32.00 4.56 -19.58
N TRP B 228 -32.01 4.44 -18.26
CA TRP B 228 -31.58 3.22 -17.61
C TRP B 228 -32.11 3.14 -16.19
N HIS B 229 -32.32 1.93 -15.70
CA HIS B 229 -32.73 1.76 -14.32
C HIS B 229 -31.52 1.86 -13.40
N HIS B 230 -31.58 2.79 -12.45
CA HIS B 230 -30.54 2.92 -11.45
C HIS B 230 -30.37 1.63 -10.68
N VAL B 231 -29.13 1.28 -10.36
CA VAL B 231 -28.87 0.15 -9.47
C VAL B 231 -29.23 0.57 -8.04
N LYS B 234 -25.07 0.70 -2.20
CA LYS B 234 -25.21 1.82 -3.11
C LYS B 234 -24.52 3.07 -2.58
N SER B 235 -23.21 3.14 -2.80
CA SER B 235 -22.46 4.38 -2.61
C SER B 235 -22.21 5.00 -3.98
N VAL B 236 -23.13 4.70 -4.91
CA VAL B 236 -23.02 5.16 -6.29
C VAL B 236 -23.05 6.69 -6.37
N GLU B 237 -22.01 7.25 -7.00
CA GLU B 237 -21.87 8.69 -7.11
C GLU B 237 -22.21 9.18 -8.51
N GLY B 238 -22.31 8.25 -9.45
CA GLY B 238 -22.68 8.57 -10.81
C GLY B 238 -22.73 7.36 -11.72
N TYR B 239 -23.14 7.58 -12.96
CA TYR B 239 -23.13 6.54 -13.98
C TYR B 239 -22.38 7.03 -15.21
N GLN B 240 -21.48 6.19 -15.73
CA GLN B 240 -20.81 6.47 -16.99
C GLN B 240 -21.52 5.71 -18.11
N ILE B 241 -21.65 6.36 -19.26
CA ILE B 241 -22.31 5.76 -20.41
C ILE B 241 -21.37 5.86 -21.61
N ARG B 242 -21.15 4.73 -22.29
CA ARG B 242 -20.32 4.71 -23.48
C ARG B 242 -21.19 4.59 -24.72
N TYR B 243 -20.64 4.96 -25.87
CA TYR B 243 -21.30 4.71 -27.14
C TYR B 243 -20.29 4.75 -28.28
N TRP B 244 -20.50 3.86 -29.24
CA TRP B 244 -19.60 3.73 -30.38
C TRP B 244 -20.30 3.02 -31.54
N ALA B 245 -19.92 3.37 -32.76
CA ALA B 245 -20.49 2.73 -33.95
C ALA B 245 -19.90 1.33 -34.10
N ALA B 246 -20.67 0.43 -34.71
CA ALA B 246 -20.25 -0.96 -34.83
C ALA B 246 -19.05 -1.13 -35.78
N HIS B 247 -18.74 -0.09 -36.54
CA HIS B 247 -17.55 -0.08 -37.38
C HIS B 247 -16.36 0.48 -36.61
N ASP B 248 -16.57 0.81 -35.34
CA ASP B 248 -15.50 1.29 -34.45
C ASP B 248 -15.27 0.28 -33.33
N LYS B 249 -14.06 0.28 -32.77
CA LYS B 249 -13.72 -0.61 -31.67
C LYS B 249 -14.32 -0.09 -30.37
N GLU B 250 -14.65 -1.02 -29.47
CA GLU B 250 -15.23 -0.66 -28.18
C GLU B 250 -14.29 0.23 -27.37
N ALA B 251 -12.99 0.03 -27.56
CA ALA B 251 -11.99 0.78 -26.82
C ALA B 251 -11.96 2.25 -27.25
N ALA B 252 -12.53 2.54 -28.41
CA ALA B 252 -12.54 3.89 -28.95
C ALA B 252 -13.89 4.58 -28.74
N ALA B 253 -14.66 4.09 -27.78
CA ALA B 253 -15.98 4.64 -27.51
C ALA B 253 -15.92 5.97 -26.76
N GLN B 254 -16.80 6.89 -27.14
CA GLN B 254 -16.94 8.15 -26.42
C GLN B 254 -17.72 7.85 -25.14
N ARG B 255 -17.47 8.63 -24.11
CA ARG B 255 -18.14 8.41 -22.83
C ARG B 255 -18.60 9.70 -22.16
N VAL B 256 -19.68 9.59 -21.39
CA VAL B 256 -20.27 10.72 -20.70
C VAL B 256 -20.72 10.25 -19.31
N GLN B 257 -20.59 11.13 -18.32
CA GLN B 257 -20.94 10.80 -16.94
C GLN B 257 -22.14 11.62 -16.49
N VAL B 258 -22.81 11.15 -15.44
CA VAL B 258 -24.05 11.77 -15.00
C VAL B 258 -24.28 11.49 -13.51
N SER B 259 -25.15 12.29 -12.90
CA SER B 259 -25.35 12.25 -11.44
C SER B 259 -25.92 10.91 -10.96
N ASN B 260 -26.06 10.76 -9.65
CA ASN B 260 -26.55 9.52 -9.06
C ASN B 260 -28.07 9.50 -8.84
N GLN B 261 -28.71 10.65 -9.02
CA GLN B 261 -30.18 10.70 -9.17
C GLN B 261 -30.48 11.35 -10.52
N GLU B 262 -29.88 10.77 -11.56
CA GLU B 262 -30.14 11.17 -12.95
C GLU B 262 -30.31 9.93 -13.79
N TYR B 263 -31.40 9.89 -14.56
CA TYR B 263 -31.84 8.69 -15.25
C TYR B 263 -31.87 8.85 -16.77
N SER B 264 -31.34 9.96 -17.27
CA SER B 264 -31.34 10.20 -18.72
C SER B 264 -30.25 11.16 -19.17
N THR B 265 -30.00 11.16 -20.48
CA THR B 265 -29.09 12.09 -21.11
C THR B 265 -29.21 11.98 -22.62
N LYS B 266 -28.94 13.07 -23.33
CA LYS B 266 -29.06 13.10 -24.78
C LYS B 266 -27.69 13.15 -25.45
N LEU B 267 -27.40 12.14 -26.26
CA LEU B 267 -26.16 12.11 -27.03
C LEU B 267 -26.37 12.84 -28.35
N GLU B 268 -25.38 13.61 -28.77
CA GLU B 268 -25.51 14.50 -29.92
C GLU B 268 -24.44 14.29 -30.99
N ASN B 269 -24.65 14.94 -32.14
CA ASN B 269 -23.79 14.84 -33.31
C ASN B 269 -23.27 13.43 -33.60
N LEU B 270 -24.21 12.49 -33.78
CA LEU B 270 -23.86 11.15 -34.24
C LEU B 270 -23.81 11.11 -35.77
N LYS B 271 -23.36 9.98 -36.31
CA LYS B 271 -23.41 9.76 -37.75
C LYS B 271 -24.82 9.32 -38.17
N PRO B 272 -25.41 9.97 -39.18
CA PRO B 272 -26.72 9.49 -39.66
C PRO B 272 -26.66 8.11 -40.30
N ASN B 273 -27.76 7.36 -40.19
CA ASN B 273 -27.85 6.00 -40.71
C ASN B 273 -26.68 5.15 -40.25
N THR B 274 -26.53 5.05 -38.93
CA THR B 274 -25.43 4.32 -38.31
C THR B 274 -25.89 3.57 -37.07
N ARG B 275 -25.42 2.33 -36.92
CA ARG B 275 -25.71 1.56 -35.72
C ARG B 275 -24.72 1.93 -34.61
N TYR B 276 -25.25 2.23 -33.43
CA TYR B 276 -24.42 2.53 -32.26
C TYR B 276 -24.70 1.55 -31.12
N HIS B 277 -23.64 0.96 -30.57
CA HIS B 277 -23.75 0.16 -29.36
C HIS B 277 -23.71 1.10 -28.16
N ILE B 278 -24.55 0.86 -27.16
CA ILE B 278 -24.58 1.70 -25.97
C ILE B 278 -24.64 0.84 -24.71
N ASP B 279 -23.86 1.22 -23.72
CA ASP B 279 -23.90 0.59 -22.40
C ASP B 279 -23.71 1.65 -21.33
N VAL B 280 -24.08 1.31 -20.10
CA VAL B 280 -23.98 2.23 -18.98
C VAL B 280 -23.40 1.50 -17.78
N SER B 281 -22.59 2.22 -17.00
CA SER B 281 -21.93 1.65 -15.83
C SER B 281 -22.17 2.52 -14.61
N ALA B 282 -22.07 1.91 -13.43
CA ALA B 282 -22.13 2.63 -12.17
C ALA B 282 -20.72 2.83 -11.63
N PHE B 283 -20.48 3.96 -10.96
CA PHE B 283 -19.15 4.22 -10.40
C PHE B 283 -19.18 5.09 -9.15
N ASN B 284 -18.10 5.00 -8.38
CA ASN B 284 -17.87 5.85 -7.23
C ASN B 284 -16.39 6.15 -7.11
N SER B 285 -15.97 6.80 -6.03
CA SER B 285 -14.58 7.20 -5.88
C SER B 285 -13.61 6.02 -5.92
N ALA B 286 -14.12 4.83 -5.65
CA ALA B 286 -13.28 3.64 -5.57
C ALA B 286 -12.99 3.00 -6.93
N GLY B 287 -13.97 3.04 -7.83
CA GLY B 287 -13.80 2.44 -9.14
C GLY B 287 -15.04 2.44 -10.00
N TYR B 288 -14.90 1.96 -11.24
CA TYR B 288 -16.03 1.80 -12.15
C TYR B 288 -16.64 0.41 -11.98
N GLY B 289 -17.96 0.34 -12.03
CA GLY B 289 -18.66 -0.93 -11.97
C GLY B 289 -18.79 -1.53 -13.35
N PRO B 290 -19.22 -2.81 -13.44
CA PRO B 290 -19.33 -3.47 -14.74
C PRO B 290 -20.38 -2.81 -15.64
N PRO B 291 -20.18 -2.85 -16.96
CA PRO B 291 -21.15 -2.27 -17.89
C PRO B 291 -22.45 -3.07 -17.96
N SER B 292 -23.55 -2.40 -18.29
CA SER B 292 -24.82 -3.07 -18.49
C SER B 292 -24.79 -3.86 -19.78
N ARG B 293 -25.88 -4.55 -20.08
CA ARG B 293 -26.03 -5.21 -21.37
C ARG B 293 -25.94 -4.15 -22.47
N THR B 294 -25.09 -4.40 -23.46
CA THR B 294 -24.94 -3.46 -24.56
C THR B 294 -26.22 -3.42 -25.38
N ILE B 295 -26.68 -2.21 -25.67
CA ILE B 295 -27.90 -1.99 -26.43
C ILE B 295 -27.53 -1.39 -27.78
N ASP B 296 -28.33 -1.68 -28.80
CA ASP B 296 -28.06 -1.19 -30.15
C ASP B 296 -29.20 -0.31 -30.66
N ILE B 297 -28.88 0.52 -31.65
CA ILE B 297 -29.81 1.51 -32.18
C ILE B 297 -29.27 2.07 -33.50
N ILE B 298 -30.18 2.36 -34.43
CA ILE B 298 -29.79 2.92 -35.72
C ILE B 298 -30.29 4.36 -35.84
N THR B 299 -29.41 5.24 -36.30
CA THR B 299 -29.75 6.64 -36.46
C THR B 299 -30.53 6.87 -37.75
N ARG B 300 -31.38 7.89 -37.72
CA ARG B 300 -32.29 8.20 -38.82
C ARG B 300 -31.57 8.82 -40.01
N LYS B 301 -32.24 8.81 -41.17
CA LYS B 301 -31.72 9.47 -42.36
C LYS B 301 -31.83 10.98 -42.21
N PRO C 2 -68.59 -38.19 26.84
CA PRO C 2 -67.83 -37.96 25.61
C PRO C 2 -67.54 -39.25 24.84
N PRO C 3 -67.10 -39.13 23.57
CA PRO C 3 -67.04 -40.23 22.62
C PRO C 3 -66.23 -41.44 23.06
N GLY C 4 -66.49 -42.58 22.42
CA GLY C 4 -65.71 -43.78 22.61
C GLY C 4 -64.51 -43.75 21.67
N PRO C 5 -63.58 -44.69 21.86
CA PRO C 5 -62.37 -44.71 21.03
C PRO C 5 -62.64 -45.19 19.60
N PRO C 6 -62.25 -44.41 18.59
CA PRO C 6 -62.31 -44.93 17.21
C PRO C 6 -61.30 -46.03 16.98
N GLY C 7 -61.30 -46.64 15.80
CA GLY C 7 -60.38 -47.73 15.54
C GLY C 7 -60.30 -48.21 14.09
N GLY C 8 -59.47 -49.24 13.87
CA GLY C 8 -59.28 -49.81 12.55
C GLY C 8 -58.44 -48.91 11.69
N ILE C 9 -57.38 -48.34 12.27
CA ILE C 9 -56.52 -47.42 11.54
C ILE C 9 -55.83 -48.13 10.39
N ARG C 10 -56.00 -47.55 9.20
CA ARG C 10 -55.36 -48.03 7.99
C ARG C 10 -54.46 -46.92 7.44
N ILE C 11 -53.33 -47.32 6.86
CA ILE C 11 -52.42 -46.38 6.20
C ILE C 11 -52.45 -46.63 4.70
N GLU C 12 -53.04 -45.67 3.98
CA GLU C 12 -53.35 -45.82 2.56
C GLU C 12 -52.26 -45.27 1.66
N GLU C 13 -51.44 -44.37 2.21
CA GLU C 13 -50.37 -43.74 1.45
C GLU C 13 -49.29 -43.22 2.38
N ILE C 14 -48.04 -43.45 2.00
CA ILE C 14 -46.88 -42.94 2.72
C ILE C 14 -45.97 -42.18 1.78
N ARG C 15 -45.73 -40.92 2.11
CA ARG C 15 -44.80 -40.07 1.37
C ARG C 15 -43.67 -39.66 2.33
N ASP C 16 -42.96 -38.61 1.99
CA ASP C 16 -41.79 -38.19 2.78
C ASP C 16 -42.19 -37.30 3.96
N THR C 17 -43.23 -36.51 3.79
CA THR C 17 -43.66 -35.58 4.83
C THR C 17 -45.15 -35.74 5.15
N ALA C 18 -45.74 -36.83 4.69
CA ALA C 18 -47.18 -37.02 4.85
C ALA C 18 -47.58 -38.50 4.75
N VAL C 19 -48.68 -38.83 5.43
CA VAL C 19 -49.33 -40.13 5.23
C VAL C 19 -50.84 -39.94 5.21
N ALA C 20 -51.55 -40.81 4.49
CA ALA C 20 -53.00 -40.78 4.45
C ALA C 20 -53.58 -41.88 5.32
N LEU C 21 -54.59 -41.54 6.13
CA LEU C 21 -55.15 -42.46 7.10
C LEU C 21 -56.65 -42.69 6.90
N THR C 22 -57.10 -43.90 7.23
CA THR C 22 -58.51 -44.21 7.33
C THR C 22 -58.75 -44.94 8.64
N TRP C 23 -59.99 -44.93 9.10
CA TRP C 23 -60.36 -45.59 10.36
C TRP C 23 -61.86 -45.83 10.42
N SER C 24 -62.35 -46.24 11.59
CA SER C 24 -63.78 -46.51 11.77
C SER C 24 -64.29 -45.87 13.06
N ARG C 25 -65.50 -45.30 12.97
CA ARG C 25 -66.14 -44.61 14.09
C ARG C 25 -66.18 -45.39 15.39
N GLY C 26 -65.84 -44.71 16.48
CA GLY C 26 -66.14 -45.16 17.82
C GLY C 26 -67.31 -44.36 18.33
N THR C 27 -68.17 -44.99 19.14
CA THR C 27 -69.39 -44.34 19.61
C THR C 27 -69.09 -43.04 20.35
N ILE C 33 -70.55 -36.19 17.93
CA ILE C 33 -69.17 -36.04 17.50
C ILE C 33 -69.00 -34.78 16.67
N SER C 34 -68.09 -33.90 17.12
CA SER C 34 -67.88 -32.61 16.47
C SER C 34 -66.56 -32.54 15.70
N LYS C 35 -65.62 -33.42 16.04
CA LYS C 35 -64.32 -33.41 15.39
C LYS C 35 -63.51 -34.67 15.68
N TYR C 36 -62.43 -34.84 14.92
CA TYR C 36 -61.42 -35.86 15.20
C TYR C 36 -60.05 -35.19 15.34
N THR C 37 -59.27 -35.67 16.30
CA THR C 37 -57.89 -35.22 16.47
C THR C 37 -56.97 -36.41 16.22
N ILE C 38 -55.86 -36.17 15.53
CA ILE C 38 -54.87 -37.21 15.24
C ILE C 38 -53.55 -36.85 15.90
N GLN C 39 -52.90 -37.86 16.46
CA GLN C 39 -51.60 -37.69 17.08
C GLN C 39 -50.59 -38.62 16.44
N SER C 40 -49.31 -38.32 16.64
CA SER C 40 -48.24 -39.12 16.07
C SER C 40 -47.15 -39.40 17.10
N LYS C 41 -46.46 -40.52 16.95
CA LYS C 41 -45.38 -40.89 17.85
C LYS C 41 -44.18 -41.38 17.08
N THR C 42 -43.02 -40.78 17.36
CA THR C 42 -41.75 -41.31 16.90
C THR C 42 -40.96 -41.77 18.12
N PHE C 43 -39.65 -41.90 17.99
CA PHE C 43 -38.79 -42.17 19.14
C PHE C 43 -38.37 -40.85 19.76
N LEU C 44 -38.52 -39.75 19.03
CA LEU C 44 -38.13 -38.47 19.55
C LEU C 44 -38.91 -38.22 20.84
N SER C 45 -40.19 -38.57 20.84
CA SER C 45 -41.01 -38.39 22.02
C SER C 45 -41.73 -39.67 22.46
N GLU C 46 -41.56 -40.03 23.74
CA GLU C 46 -42.23 -41.18 24.33
C GLU C 46 -43.70 -40.79 24.28
N GLU C 47 -43.88 -39.48 24.37
CA GLU C 47 -45.16 -38.81 24.36
C GLU C 47 -45.76 -38.82 22.94
N TRP C 48 -47.06 -38.58 22.86
CA TRP C 48 -47.72 -38.39 21.58
C TRP C 48 -47.88 -36.91 21.30
N LYS C 49 -47.90 -36.54 20.03
CA LYS C 49 -48.00 -35.15 19.62
C LYS C 49 -49.22 -34.92 18.74
N ASP C 50 -50.02 -33.93 19.10
CA ASP C 50 -51.11 -33.47 18.24
C ASP C 50 -50.54 -33.13 16.87
N ALA C 51 -51.00 -33.85 15.85
CA ALA C 51 -50.42 -33.76 14.51
C ALA C 51 -51.22 -32.81 13.60
N LYS C 52 -50.52 -32.16 12.68
CA LYS C 52 -51.15 -31.26 11.72
C LYS C 52 -51.82 -32.09 10.62
N THR C 53 -53.05 -31.73 10.28
CA THR C 53 -53.89 -32.55 9.40
C THR C 53 -54.35 -31.79 8.15
N GLU C 54 -54.59 -32.55 7.09
CA GLU C 54 -55.23 -32.06 5.88
C GLU C 54 -56.45 -32.94 5.60
N PRO C 55 -57.67 -32.36 5.63
CA PRO C 55 -57.97 -30.95 5.90
C PRO C 55 -57.74 -30.60 7.36
N SER C 56 -57.53 -29.31 7.64
CA SER C 56 -57.27 -28.86 9.00
C SER C 56 -58.36 -29.33 9.95
N ASP C 57 -59.61 -29.13 9.56
CA ASP C 57 -60.76 -29.53 10.36
C ASP C 57 -61.35 -30.85 9.89
N ILE C 58 -61.09 -31.93 10.64
CA ILE C 58 -61.76 -33.20 10.40
C ILE C 58 -63.16 -33.13 10.97
N GLU C 59 -64.17 -33.11 10.11
CA GLU C 59 -65.55 -33.04 10.58
C GLU C 59 -65.88 -34.32 11.35
N GLY C 60 -66.99 -34.29 12.08
CA GLY C 60 -67.38 -35.41 12.92
C GLY C 60 -67.79 -36.66 12.14
N ASN C 61 -68.22 -36.47 10.90
CA ASN C 61 -68.71 -37.58 10.09
C ASN C 61 -67.62 -38.24 9.27
N MET C 62 -66.46 -37.60 9.19
CA MET C 62 -65.35 -38.10 8.39
C MET C 62 -64.64 -39.26 9.08
N GLU C 63 -64.16 -40.20 8.28
CA GLU C 63 -63.40 -41.35 8.78
C GLU C 63 -62.08 -41.51 8.03
N SER C 64 -61.62 -40.40 7.43
CA SER C 64 -60.36 -40.40 6.69
C SER C 64 -59.66 -39.03 6.77
N ALA C 65 -58.34 -39.02 6.81
CA ALA C 65 -57.59 -37.76 6.86
C ALA C 65 -56.11 -37.89 6.45
N ARG C 66 -55.49 -36.77 6.11
CA ARG C 66 -54.08 -36.75 5.74
C ARG C 66 -53.24 -36.03 6.79
N VAL C 67 -52.28 -36.74 7.36
CA VAL C 67 -51.34 -36.16 8.33
C VAL C 67 -50.13 -35.62 7.59
N ILE C 68 -49.80 -34.36 7.85
CA ILE C 68 -48.73 -33.66 7.13
C ILE C 68 -47.65 -33.14 8.08
N ASP C 69 -46.63 -32.48 7.49
CA ASP C 69 -45.51 -31.91 8.23
C ASP C 69 -44.70 -32.97 8.98
N LEU C 70 -44.63 -34.16 8.41
CA LEU C 70 -43.89 -35.25 9.04
C LEU C 70 -42.41 -35.19 8.67
N ILE C 71 -41.59 -35.90 9.44
CA ILE C 71 -40.16 -35.97 9.19
C ILE C 71 -39.85 -37.05 8.17
N PRO C 72 -39.02 -36.74 7.15
CA PRO C 72 -38.63 -37.77 6.18
C PRO C 72 -37.82 -38.90 6.81
N TRP C 73 -38.13 -40.13 6.41
CA TRP C 73 -37.38 -41.29 6.85
C TRP C 73 -37.41 -41.44 8.37
N MET C 74 -38.59 -41.16 8.95
CA MET C 74 -38.81 -41.30 10.38
C MET C 74 -39.90 -42.32 10.63
N GLU C 75 -39.73 -43.13 11.68
CA GLU C 75 -40.70 -44.17 12.00
C GLU C 75 -41.84 -43.61 12.84
N TYR C 76 -43.07 -43.86 12.40
CA TYR C 76 -44.25 -43.22 12.97
C TYR C 76 -45.34 -44.20 13.40
N GLU C 77 -46.06 -43.82 14.46
CA GLU C 77 -47.31 -44.46 14.84
C GLU C 77 -48.35 -43.38 15.03
N PHE C 78 -49.59 -43.65 14.64
CA PHE C 78 -50.66 -42.67 14.69
C PHE C 78 -51.84 -43.18 15.52
N ARG C 79 -52.55 -42.25 16.15
CA ARG C 79 -53.81 -42.59 16.82
C ARG C 79 -54.84 -41.48 16.67
N ILE C 80 -56.11 -41.89 16.70
CA ILE C 80 -57.24 -41.01 16.42
C ILE C 80 -58.00 -40.68 17.71
N ILE C 81 -58.54 -39.46 17.79
CA ILE C 81 -59.29 -39.02 18.96
C ILE C 81 -60.55 -38.24 18.57
N ALA C 82 -61.71 -38.84 18.86
CA ALA C 82 -62.99 -38.20 18.62
C ALA C 82 -63.38 -37.41 19.87
N THR C 83 -64.14 -36.34 19.68
CA THR C 83 -64.56 -35.47 20.80
C THR C 83 -66.03 -35.05 20.68
N ASN C 84 -66.47 -34.24 21.63
CA ASN C 84 -67.88 -33.87 21.79
C ASN C 84 -68.05 -32.35 21.85
N THR C 88 -64.13 -35.04 25.20
CA THR C 88 -63.00 -35.63 24.50
C THR C 88 -62.93 -37.14 24.71
N GLY C 89 -62.93 -37.88 23.61
CA GLY C 89 -63.00 -39.33 23.65
C GLY C 89 -61.67 -40.00 23.98
N GLU C 90 -61.73 -41.25 24.42
CA GLU C 90 -60.54 -42.05 24.59
C GLU C 90 -59.85 -42.14 23.25
N PRO C 91 -58.51 -42.12 23.24
CA PRO C 91 -57.87 -42.22 21.93
C PRO C 91 -57.92 -43.62 21.35
N SER C 92 -57.76 -43.72 20.03
CA SER C 92 -57.65 -45.02 19.38
C SER C 92 -56.40 -45.74 19.88
N MET C 93 -56.31 -47.02 19.58
CA MET C 93 -55.08 -47.76 19.81
C MET C 93 -54.13 -47.46 18.65
N PRO C 94 -52.83 -47.69 18.86
CA PRO C 94 -51.88 -47.20 17.84
C PRO C 94 -51.97 -47.94 16.52
N SER C 95 -51.62 -47.26 15.43
CA SER C 95 -51.59 -47.87 14.11
C SER C 95 -50.37 -48.76 13.97
N GLN C 96 -50.17 -49.30 12.77
CA GLN C 96 -48.92 -49.95 12.43
C GLN C 96 -47.79 -48.93 12.59
N ARG C 97 -46.57 -49.43 12.71
CA ARG C 97 -45.41 -48.56 12.68
C ARG C 97 -44.86 -48.54 11.26
N ILE C 98 -44.81 -47.34 10.68
CA ILE C 98 -44.34 -47.14 9.31
C ILE C 98 -43.18 -46.15 9.28
N ARG C 99 -42.43 -46.18 8.19
CA ARG C 99 -41.34 -45.23 7.98
C ARG C 99 -41.62 -44.37 6.75
N THR C 100 -41.55 -43.06 6.92
CA THR C 100 -41.79 -42.13 5.83
C THR C 100 -40.72 -42.26 4.77
N GLU C 101 -41.00 -41.76 3.58
CA GLU C 101 -40.02 -41.79 2.50
C GLU C 101 -38.92 -40.77 2.77
N GLY C 102 -37.85 -40.84 1.99
CA GLY C 102 -36.69 -40.01 2.20
C GLY C 102 -36.74 -38.67 1.47
N ALA C 103 -35.93 -37.75 1.94
CA ALA C 103 -35.73 -36.45 1.28
C ALA C 103 -34.32 -35.98 1.63
N PRO C 104 -33.80 -34.98 0.89
CA PRO C 104 -32.44 -34.52 1.21
C PRO C 104 -32.33 -33.99 2.64
N PRO C 105 -31.19 -34.24 3.31
CA PRO C 105 -30.99 -33.63 4.62
C PRO C 105 -31.04 -32.11 4.55
N ASN C 106 -31.31 -31.45 5.66
CA ASN C 106 -31.30 -30.00 5.71
C ASN C 106 -30.57 -29.48 6.95
N VAL C 107 -29.64 -30.29 7.45
CA VAL C 107 -28.84 -29.92 8.61
C VAL C 107 -27.38 -30.27 8.38
N ALA C 108 -26.49 -29.35 8.77
CA ALA C 108 -25.06 -29.61 8.72
C ALA C 108 -24.61 -30.19 10.05
N PRO C 109 -23.65 -31.11 10.03
CA PRO C 109 -23.16 -31.67 11.31
C PRO C 109 -22.52 -30.61 12.20
N SER C 110 -22.52 -30.83 13.51
CA SER C 110 -21.97 -29.85 14.45
C SER C 110 -20.46 -30.04 14.64
N ASP C 111 -19.88 -29.09 15.37
CA ASP C 111 -18.47 -29.15 15.79
C ASP C 111 -17.50 -29.63 14.71
N VAL C 112 -17.64 -29.11 13.50
CA VAL C 112 -16.68 -29.39 12.44
C VAL C 112 -15.36 -28.69 12.77
N GLY C 113 -14.31 -29.48 12.94
CA GLY C 113 -13.01 -28.97 13.31
C GLY C 113 -11.90 -29.92 12.93
N GLY C 114 -10.83 -29.93 13.73
CA GLY C 114 -9.70 -30.81 13.46
C GLY C 114 -8.43 -30.37 14.15
N GLY C 115 -7.33 -31.04 13.81
CA GLY C 115 -6.03 -30.79 14.41
C GLY C 115 -5.44 -32.06 14.99
N GLY C 116 -4.11 -32.14 15.03
CA GLY C 116 -3.42 -33.26 15.62
C GLY C 116 -3.22 -34.42 14.66
N GLY C 117 -2.64 -35.50 15.17
CA GLY C 117 -2.36 -36.69 14.38
C GLY C 117 -0.87 -37.01 14.40
N SER C 118 -0.47 -38.03 13.64
CA SER C 118 0.94 -38.35 13.47
C SER C 118 1.51 -37.46 12.37
N ASN C 119 2.81 -37.59 12.11
CA ASN C 119 3.48 -36.73 11.13
C ASN C 119 2.85 -36.84 9.74
N ARG C 120 2.67 -35.69 9.11
CA ARG C 120 2.14 -35.59 7.75
C ARG C 120 0.65 -35.98 7.64
N GLU C 121 -0.08 -35.84 8.75
CA GLU C 121 -1.51 -36.13 8.76
C GLU C 121 -2.35 -34.87 8.98
N LEU C 122 -3.47 -34.79 8.26
CA LEU C 122 -4.50 -33.79 8.53
C LEU C 122 -5.71 -34.52 9.10
N THR C 123 -6.06 -34.22 10.35
CA THR C 123 -7.19 -34.87 10.99
C THR C 123 -8.39 -33.93 11.04
N ILE C 124 -9.45 -34.31 10.34
CA ILE C 124 -10.68 -33.55 10.29
C ILE C 124 -11.75 -34.24 11.12
N THR C 125 -12.41 -33.47 12.00
CA THR C 125 -13.40 -34.04 12.92
C THR C 125 -14.74 -33.32 12.83
N TRP C 126 -15.78 -34.04 13.24
CA TRP C 126 -17.13 -33.49 13.31
C TRP C 126 -17.99 -34.44 14.13
N MET C 127 -19.07 -33.93 14.71
CA MET C 127 -19.99 -34.79 15.45
C MET C 127 -20.92 -35.49 14.48
N PRO C 128 -20.96 -36.84 14.53
CA PRO C 128 -21.94 -37.56 13.71
C PRO C 128 -23.36 -37.04 13.94
N LEU C 129 -24.11 -36.86 12.86
CA LEU C 129 -25.49 -36.42 12.96
C LEU C 129 -26.33 -37.55 13.56
N SER C 130 -27.28 -37.18 14.41
CA SER C 130 -28.14 -38.16 15.06
C SER C 130 -29.20 -38.63 14.06
N ARG C 131 -29.73 -39.81 14.33
CA ARG C 131 -30.66 -40.50 13.43
C ARG C 131 -31.76 -39.63 12.82
N GLU C 132 -32.33 -38.74 13.64
CA GLU C 132 -33.51 -37.97 13.23
C GLU C 132 -33.25 -37.04 12.06
N TYR C 133 -31.98 -36.72 11.82
CA TYR C 133 -31.60 -35.77 10.78
C TYR C 133 -31.12 -36.46 9.50
N HIS C 134 -31.06 -37.79 9.54
CA HIS C 134 -30.59 -38.56 8.40
C HIS C 134 -31.49 -38.35 7.19
N TYR C 135 -32.80 -38.33 7.43
CA TYR C 135 -33.79 -37.94 6.42
C TYR C 135 -33.87 -38.87 5.21
N GLY C 136 -33.07 -39.92 5.17
CA GLY C 136 -33.10 -40.84 4.04
C GLY C 136 -32.15 -42.02 4.12
N ASN C 137 -32.34 -42.96 3.20
CA ASN C 137 -31.51 -44.17 3.15
C ASN C 137 -30.12 -43.87 2.63
N ASN C 138 -29.17 -44.73 2.98
CA ASN C 138 -27.78 -44.58 2.53
C ASN C 138 -27.19 -43.24 2.96
N PHE C 139 -27.39 -42.90 4.22
CA PHE C 139 -26.88 -41.65 4.77
C PHE C 139 -25.36 -41.69 4.93
N GLY C 140 -24.72 -40.58 4.57
CA GLY C 140 -23.27 -40.45 4.69
C GLY C 140 -22.85 -38.99 4.76
N TYR C 141 -21.54 -38.76 4.70
CA TYR C 141 -20.98 -37.41 4.72
C TYR C 141 -20.04 -37.19 3.55
N ILE C 142 -19.93 -35.93 3.14
CA ILE C 142 -18.92 -35.49 2.18
C ILE C 142 -18.05 -34.46 2.87
N VAL C 143 -16.78 -34.82 3.08
CA VAL C 143 -15.82 -33.96 3.75
C VAL C 143 -14.98 -33.21 2.72
N ALA C 144 -15.08 -31.90 2.73
CA ALA C 144 -14.32 -31.04 1.82
C ALA C 144 -13.18 -30.37 2.57
N PHE C 145 -12.01 -30.29 1.92
CA PHE C 145 -10.83 -29.70 2.56
C PHE C 145 -9.87 -29.14 1.51
N LYS C 146 -9.20 -28.04 1.87
CA LYS C 146 -8.20 -27.44 0.99
C LYS C 146 -7.23 -26.57 1.78
N PRO C 147 -5.96 -26.49 1.32
CA PRO C 147 -5.02 -25.51 1.88
C PRO C 147 -5.59 -24.09 1.83
N PHE C 148 -5.52 -23.39 2.97
CA PHE C 148 -6.07 -22.04 3.10
C PHE C 148 -5.60 -21.12 1.98
N GLY C 149 -6.56 -20.53 1.27
CA GLY C 149 -6.26 -19.57 0.22
C GLY C 149 -6.34 -20.15 -1.17
N GLU C 150 -6.23 -21.47 -1.28
CA GLU C 150 -6.36 -22.12 -2.59
C GLU C 150 -7.80 -22.01 -3.08
N LYS C 151 -7.99 -22.17 -4.38
CA LYS C 151 -9.32 -21.97 -4.97
C LYS C 151 -10.16 -23.24 -4.94
N GLU C 152 -9.53 -24.38 -5.24
CA GLU C 152 -10.27 -25.63 -5.42
C GLU C 152 -10.27 -26.55 -4.20
N TRP C 153 -11.42 -27.19 -3.98
CA TRP C 153 -11.60 -28.12 -2.88
C TRP C 153 -11.33 -29.55 -3.29
N ARG C 154 -10.60 -30.27 -2.46
CA ARG C 154 -10.56 -31.73 -2.53
C ARG C 154 -11.65 -32.23 -1.60
N ARG C 155 -12.40 -33.23 -2.04
CA ARG C 155 -13.50 -33.77 -1.25
C ARG C 155 -13.45 -35.29 -1.20
N VAL C 156 -13.88 -35.84 -0.05
CA VAL C 156 -13.88 -37.29 0.16
C VAL C 156 -15.22 -37.71 0.76
N THR C 157 -15.62 -38.95 0.48
CA THR C 157 -16.92 -39.47 0.89
C THR C 157 -16.81 -40.44 2.07
N VAL C 158 -17.58 -40.15 3.12
CA VAL C 158 -17.67 -41.04 4.28
C VAL C 158 -19.04 -41.70 4.30
N THR C 159 -19.07 -43.01 4.02
CA THR C 159 -20.32 -43.72 3.82
C THR C 159 -20.90 -44.31 5.11
N ASN C 160 -20.17 -44.19 6.21
CA ASN C 160 -20.65 -44.66 7.51
C ASN C 160 -21.19 -43.48 8.33
N PRO C 161 -22.48 -43.53 8.71
CA PRO C 161 -23.06 -42.40 9.46
C PRO C 161 -22.42 -42.17 10.83
N GLU C 162 -21.77 -43.19 11.37
CA GLU C 162 -21.25 -43.13 12.74
C GLU C 162 -19.84 -42.56 12.82
N ILE C 163 -19.15 -42.50 11.70
CA ILE C 163 -17.78 -41.98 11.69
C ILE C 163 -17.80 -40.46 11.87
N GLY C 164 -16.98 -39.97 12.78
CA GLY C 164 -16.90 -38.55 13.10
C GLY C 164 -15.54 -37.95 12.77
N ARG C 165 -14.77 -38.63 11.94
CA ARG C 165 -13.45 -38.14 11.57
C ARG C 165 -12.93 -38.72 10.25
N TYR C 166 -12.10 -37.93 9.56
CA TYR C 166 -11.35 -38.38 8.39
C TYR C 166 -9.89 -37.99 8.53
N VAL C 167 -9.01 -38.94 8.23
CA VAL C 167 -7.57 -38.73 8.33
C VAL C 167 -6.93 -38.70 6.94
N HIS C 168 -6.46 -37.52 6.55
CA HIS C 168 -5.89 -37.31 5.22
C HIS C 168 -4.37 -37.25 5.27
N LYS C 169 -3.72 -38.27 4.73
CA LYS C 169 -2.26 -38.32 4.70
C LYS C 169 -1.71 -37.61 3.47
N ASP C 170 -0.54 -36.99 3.65
CA ASP C 170 0.17 -36.33 2.55
C ASP C 170 1.56 -35.94 3.05
N GLU C 171 2.57 -36.66 2.57
CA GLU C 171 3.94 -36.43 3.03
C GLU C 171 4.51 -35.11 2.52
N SER C 172 3.76 -34.44 1.65
CA SER C 172 4.18 -33.15 1.12
C SER C 172 3.89 -32.02 2.11
N MET C 173 2.93 -32.24 3.00
CA MET C 173 2.59 -31.25 4.02
C MET C 173 3.74 -31.00 4.98
N PRO C 174 4.14 -29.73 5.16
CA PRO C 174 4.92 -29.48 6.36
C PRO C 174 3.98 -29.41 7.56
N PRO C 175 4.49 -29.65 8.79
CA PRO C 175 3.61 -29.63 9.95
C PRO C 175 2.86 -28.30 10.13
N SER C 176 1.64 -28.37 10.66
CA SER C 176 0.85 -27.19 11.03
C SER C 176 0.43 -26.32 9.84
N THR C 177 0.31 -26.91 8.65
CA THR C 177 -0.16 -26.15 7.51
C THR C 177 -1.67 -25.90 7.64
N GLN C 178 -2.07 -24.68 7.30
CA GLN C 178 -3.43 -24.23 7.52
C GLN C 178 -4.38 -24.74 6.46
N TYR C 179 -5.48 -25.34 6.90
CA TYR C 179 -6.51 -25.83 6.00
C TYR C 179 -7.87 -25.22 6.32
N GLN C 180 -8.66 -25.04 5.27
CA GLN C 180 -10.08 -24.73 5.42
C GLN C 180 -10.83 -26.03 5.19
N VAL C 181 -11.88 -26.25 5.95
CA VAL C 181 -12.50 -27.56 5.99
C VAL C 181 -13.99 -27.46 6.36
N LYS C 182 -14.81 -28.23 5.65
CA LYS C 182 -16.25 -28.23 5.86
C LYS C 182 -16.84 -29.60 5.52
N VAL C 183 -17.96 -29.91 6.17
CA VAL C 183 -18.64 -31.19 5.99
C VAL C 183 -20.14 -30.99 5.80
N LYS C 184 -20.73 -31.79 4.91
CA LYS C 184 -22.17 -31.83 4.74
C LYS C 184 -22.68 -33.24 4.85
N ALA C 185 -23.97 -33.37 5.12
CA ALA C 185 -24.64 -34.66 5.12
C ALA C 185 -25.26 -34.91 3.75
N PHE C 186 -25.41 -36.18 3.41
CA PHE C 186 -26.12 -36.56 2.20
C PHE C 186 -26.80 -37.92 2.39
N ASN C 187 -27.81 -38.16 1.56
CA ASN C 187 -28.41 -39.48 1.45
C ASN C 187 -28.79 -39.73 0.00
N SER C 188 -29.51 -40.82 -0.26
CA SER C 188 -29.82 -41.21 -1.64
C SER C 188 -30.75 -40.23 -2.34
N LYS C 189 -31.28 -39.25 -1.60
CA LYS C 189 -32.19 -38.25 -2.18
C LYS C 189 -31.46 -36.95 -2.53
N GLY C 190 -30.35 -36.68 -1.85
CA GLY C 190 -29.58 -35.49 -2.14
C GLY C 190 -28.70 -35.04 -1.00
N ASP C 191 -28.26 -33.77 -1.06
CA ASP C 191 -27.28 -33.23 -0.13
C ASP C 191 -27.89 -32.17 0.79
N GLY C 192 -27.40 -32.15 2.02
CA GLY C 192 -27.72 -31.09 2.96
C GLY C 192 -26.72 -29.95 2.81
N PRO C 193 -26.89 -28.91 3.62
CA PRO C 193 -25.99 -27.74 3.58
C PRO C 193 -24.62 -28.06 4.16
N PHE C 194 -23.59 -27.39 3.66
CA PHE C 194 -22.26 -27.53 4.23
C PHE C 194 -22.21 -26.87 5.59
N SER C 195 -21.37 -27.39 6.47
CA SER C 195 -21.13 -26.76 7.76
C SER C 195 -20.41 -25.43 7.57
N LEU C 196 -20.33 -24.65 8.63
CA LEU C 196 -19.49 -23.47 8.65
C LEU C 196 -18.04 -23.88 8.41
N THR C 197 -17.35 -23.17 7.52
CA THR C 197 -15.97 -23.51 7.20
C THR C 197 -15.05 -23.26 8.38
N ALA C 198 -14.38 -24.34 8.83
CA ALA C 198 -13.42 -24.26 9.93
C ALA C 198 -11.99 -24.09 9.42
N VAL C 199 -11.18 -23.39 10.20
CA VAL C 199 -9.76 -23.26 9.91
C VAL C 199 -8.98 -24.12 10.89
N ILE C 200 -8.42 -25.21 10.39
CA ILE C 200 -7.65 -26.14 11.21
C ILE C 200 -6.21 -26.24 10.72
N TYR C 201 -5.44 -27.10 11.37
CA TYR C 201 -4.04 -27.27 11.06
C TYR C 201 -3.66 -28.74 11.04
N SER C 202 -2.80 -29.13 10.10
CA SER C 202 -2.32 -30.51 10.03
C SER C 202 -1.53 -30.83 11.29
N ALA C 203 -1.12 -32.08 11.44
CA ALA C 203 -0.43 -32.53 12.65
C ALA C 203 0.83 -31.70 12.90
N GLN C 204 1.07 -31.40 14.17
CA GLN C 204 2.15 -30.51 14.58
C GLN C 204 3.20 -31.22 15.40
N ASP C 205 4.38 -30.61 15.49
CA ASP C 205 5.42 -31.09 16.39
C ASP C 205 5.25 -30.42 17.74
N ALA C 206 5.87 -31.00 18.77
CA ALA C 206 5.84 -30.38 20.09
C ALA C 206 6.56 -29.04 20.04
N PRO C 207 6.29 -28.16 21.01
CA PRO C 207 7.00 -26.88 21.07
C PRO C 207 8.51 -27.09 21.14
N THR C 208 9.28 -26.13 20.63
CA THR C 208 10.74 -26.19 20.70
C THR C 208 11.30 -25.11 21.63
N GLU C 209 10.41 -24.20 22.06
CA GLU C 209 10.82 -23.12 22.95
C GLU C 209 10.75 -23.52 24.42
N VAL C 210 11.66 -22.96 25.21
CA VAL C 210 11.70 -23.19 26.64
C VAL C 210 11.04 -22.01 27.37
N PRO C 211 10.22 -22.29 28.39
CA PRO C 211 9.73 -21.20 29.25
C PRO C 211 10.87 -20.38 29.85
N THR C 212 10.73 -19.05 29.84
CA THR C 212 11.79 -18.16 30.26
C THR C 212 11.48 -17.52 31.61
N ASP C 213 12.51 -16.95 32.23
CA ASP C 213 12.38 -16.22 33.49
C ASP C 213 11.69 -17.06 34.56
N VAL C 214 12.07 -18.33 34.66
CA VAL C 214 11.52 -19.19 35.70
C VAL C 214 12.13 -18.89 37.06
N SER C 215 11.29 -18.72 38.07
CA SER C 215 11.74 -18.44 39.42
C SER C 215 10.85 -19.18 40.40
N VAL C 216 11.45 -19.67 41.48
CA VAL C 216 10.72 -20.38 42.52
C VAL C 216 10.93 -19.72 43.88
N LYS C 217 9.82 -19.49 44.58
CA LYS C 217 9.85 -18.87 45.90
C LYS C 217 9.13 -19.76 46.90
N VAL C 218 9.84 -20.16 47.95
CA VAL C 218 9.27 -21.01 48.98
C VAL C 218 8.33 -20.22 49.87
N LEU C 219 7.08 -20.66 49.95
CA LEU C 219 6.05 -19.94 50.69
C LEU C 219 5.98 -20.41 52.14
N SER C 220 6.16 -21.71 52.36
CA SER C 220 6.08 -22.28 53.69
C SER C 220 6.69 -23.68 53.72
N SER C 221 6.31 -24.47 54.72
CA SER C 221 6.82 -25.82 54.86
C SER C 221 6.30 -26.75 53.78
N SER C 222 5.12 -26.42 53.23
CA SER C 222 4.42 -27.32 52.32
C SER C 222 4.01 -26.66 51.01
N GLU C 223 4.59 -25.49 50.73
CA GLU C 223 4.15 -24.68 49.59
C GLU C 223 5.30 -23.96 48.91
N ILE C 224 5.28 -23.94 47.58
CA ILE C 224 6.21 -23.12 46.81
C ILE C 224 5.53 -22.49 45.61
N SER C 225 6.01 -21.32 45.23
CA SER C 225 5.46 -20.55 44.12
C SER C 225 6.34 -20.72 42.89
N VAL C 226 5.75 -21.16 41.78
CA VAL C 226 6.47 -21.25 40.51
C VAL C 226 5.86 -20.29 39.51
N SER C 227 6.70 -19.42 38.95
CA SER C 227 6.27 -18.44 37.98
C SER C 227 7.24 -18.43 36.79
N TRP C 228 6.74 -17.99 35.64
CA TRP C 228 7.54 -17.95 34.42
C TRP C 228 6.95 -16.96 33.42
N HIS C 229 7.70 -16.72 32.34
CA HIS C 229 7.19 -15.92 31.22
C HIS C 229 6.90 -16.84 30.04
N HIS C 230 5.94 -16.44 29.21
CA HIS C 230 5.45 -17.28 28.11
C HIS C 230 6.44 -17.39 26.96
N VAL C 231 6.39 -18.54 26.28
CA VAL C 231 7.04 -18.69 25.00
C VAL C 231 6.19 -17.97 23.95
N THR C 232 6.80 -17.63 22.82
CA THR C 232 6.10 -16.88 21.78
C THR C 232 5.48 -17.80 20.72
N GLU C 233 5.68 -19.10 20.89
CA GLU C 233 5.24 -20.07 19.90
C GLU C 233 3.72 -20.10 19.74
N LYS C 234 3.26 -20.04 18.50
CA LYS C 234 1.85 -20.00 18.15
C LYS C 234 1.04 -21.16 18.72
N SER C 235 1.52 -22.38 18.50
CA SER C 235 0.73 -23.58 18.76
C SER C 235 0.51 -23.91 20.23
N VAL C 236 1.33 -23.33 21.11
CA VAL C 236 1.33 -23.71 22.52
C VAL C 236 -0.04 -23.53 23.17
N GLU C 237 -0.47 -24.57 23.90
CA GLU C 237 -1.80 -24.62 24.50
C GLU C 237 -1.77 -24.35 25.99
N GLY C 238 -0.65 -24.67 26.63
CA GLY C 238 -0.50 -24.48 28.06
C GLY C 238 0.90 -24.85 28.53
N TYR C 239 1.06 -24.97 29.84
CA TYR C 239 2.36 -25.26 30.44
C TYR C 239 2.29 -26.34 31.50
N GLN C 240 3.28 -27.24 31.49
CA GLN C 240 3.40 -28.28 32.51
C GLN C 240 4.52 -27.98 33.48
N ILE C 241 4.18 -27.92 34.76
CA ILE C 241 5.18 -27.78 35.82
C ILE C 241 5.42 -29.12 36.48
N ARG C 242 6.65 -29.60 36.39
CA ARG C 242 7.06 -30.83 37.06
C ARG C 242 7.75 -30.50 38.38
N TYR C 243 7.51 -31.33 39.38
CA TYR C 243 8.28 -31.25 40.61
C TYR C 243 8.50 -32.63 41.21
N TRP C 244 9.73 -32.88 41.64
CA TRP C 244 10.09 -34.15 42.26
C TRP C 244 11.21 -33.94 43.28
N ALA C 245 11.10 -34.65 44.40
CA ALA C 245 12.01 -34.46 45.52
C ALA C 245 13.34 -35.17 45.30
N ALA C 246 14.30 -34.86 46.17
CA ALA C 246 15.63 -35.47 46.10
C ALA C 246 15.57 -36.99 46.20
N HIS C 247 14.52 -37.51 46.86
CA HIS C 247 14.38 -38.94 47.07
C HIS C 247 13.55 -39.62 46.00
N ASP C 248 12.94 -38.82 45.12
CA ASP C 248 12.20 -39.37 43.98
C ASP C 248 13.08 -39.44 42.74
N LYS C 249 12.85 -40.46 41.91
CA LYS C 249 13.38 -40.47 40.55
C LYS C 249 12.64 -39.40 39.77
N GLU C 250 13.28 -38.84 38.74
CA GLU C 250 12.64 -37.84 37.90
C GLU C 250 11.40 -38.41 37.24
N ALA C 251 11.42 -39.71 36.98
CA ALA C 251 10.29 -40.40 36.36
C ALA C 251 9.06 -40.35 37.26
N ALA C 252 9.29 -40.27 38.56
CA ALA C 252 8.21 -40.25 39.54
C ALA C 252 7.78 -38.81 39.86
N ALA C 253 8.09 -37.89 38.95
CA ALA C 253 7.78 -36.48 39.18
C ALA C 253 6.29 -36.21 39.10
N GLN C 254 5.81 -35.36 40.00
CA GLN C 254 4.44 -34.91 39.98
C GLN C 254 4.28 -33.83 38.90
N ARG C 255 3.08 -33.72 38.35
CA ARG C 255 2.83 -32.86 37.19
C ARG C 255 1.54 -32.05 37.35
N VAL C 256 1.66 -30.74 37.21
CA VAL C 256 0.48 -29.86 37.12
C VAL C 256 0.52 -29.10 35.81
N GLN C 257 -0.63 -29.01 35.16
CA GLN C 257 -0.74 -28.36 33.86
C GLN C 257 -1.72 -27.20 33.91
N VAL C 258 -1.28 -26.04 33.42
CA VAL C 258 -2.09 -24.85 33.36
C VAL C 258 -2.28 -24.39 31.92
N SER C 259 -3.26 -23.53 31.68
CA SER C 259 -3.53 -23.04 30.33
C SER C 259 -2.70 -21.80 30.03
N ASN C 260 -2.87 -21.24 28.83
CA ASN C 260 -2.12 -20.07 28.42
C ASN C 260 -2.43 -18.84 29.27
N GLN C 261 -3.51 -18.90 30.05
CA GLN C 261 -3.92 -17.77 30.88
C GLN C 261 -3.03 -17.59 32.11
N GLU C 262 -2.34 -18.66 32.50
CA GLU C 262 -1.59 -18.70 33.75
C GLU C 262 -0.09 -18.50 33.55
N TYR C 263 0.48 -17.61 34.36
CA TYR C 263 1.92 -17.34 34.32
C TYR C 263 2.58 -17.76 35.63
N SER C 264 1.82 -18.43 36.49
CA SER C 264 2.34 -18.92 37.75
C SER C 264 1.42 -20.01 38.29
N THR C 265 1.93 -20.81 39.22
CA THR C 265 1.13 -21.83 39.89
C THR C 265 1.69 -22.12 41.28
N LYS C 266 0.80 -22.53 42.18
CA LYS C 266 1.16 -22.81 43.56
C LYS C 266 1.14 -24.30 43.84
N LEU C 267 2.33 -24.86 44.11
CA LEU C 267 2.43 -26.25 44.50
C LEU C 267 2.16 -26.37 45.98
N GLU C 268 1.38 -27.38 46.37
CA GLU C 268 0.99 -27.57 47.76
C GLU C 268 1.26 -28.99 48.23
N ASN C 269 1.15 -29.19 49.55
CA ASN C 269 1.34 -30.50 50.16
C ASN C 269 2.72 -31.08 49.90
N LEU C 270 3.73 -30.23 50.00
CA LEU C 270 5.13 -30.65 49.94
C LEU C 270 5.60 -31.08 51.32
N LYS C 271 6.50 -32.06 51.37
CA LYS C 271 7.12 -32.46 52.64
C LYS C 271 8.01 -31.33 53.16
N PRO C 272 7.91 -31.02 54.47
CA PRO C 272 8.79 -29.98 55.04
C PRO C 272 10.27 -30.32 54.96
N ASN C 273 11.11 -29.30 54.97
CA ASN C 273 12.58 -29.45 54.92
C ASN C 273 13.02 -30.49 53.88
N THR C 274 12.50 -30.35 52.67
CA THR C 274 12.79 -31.28 51.59
C THR C 274 13.21 -30.54 50.32
N ARG C 275 14.31 -31.00 49.72
CA ARG C 275 14.79 -30.42 48.47
C ARG C 275 13.89 -30.85 47.32
N TYR C 276 13.56 -29.91 46.44
CA TYR C 276 12.74 -30.20 45.27
C TYR C 276 13.37 -29.72 43.96
N HIS C 277 13.20 -30.52 42.93
CA HIS C 277 13.60 -30.16 41.58
C HIS C 277 12.36 -29.65 40.83
N ILE C 278 12.45 -28.43 40.28
CA ILE C 278 11.33 -27.82 39.57
C ILE C 278 11.76 -27.37 38.17
N ASP C 279 10.94 -27.71 37.18
CA ASP C 279 11.09 -27.15 35.84
C ASP C 279 9.73 -26.98 35.15
N VAL C 280 9.72 -26.15 34.12
CA VAL C 280 8.49 -25.80 33.41
C VAL C 280 8.70 -26.03 31.92
N SER C 281 7.67 -26.52 31.25
CA SER C 281 7.72 -26.73 29.80
C SER C 281 6.40 -26.35 29.14
N ALA C 282 6.49 -25.94 27.88
CA ALA C 282 5.31 -25.62 27.08
C ALA C 282 4.82 -26.90 26.40
N PHE C 283 3.52 -26.96 26.14
CA PHE C 283 2.95 -28.11 25.45
C PHE C 283 1.84 -27.73 24.48
N ASN C 284 1.56 -28.65 23.56
CA ASN C 284 0.44 -28.53 22.64
C ASN C 284 -0.20 -29.91 22.45
N SER C 285 -1.00 -30.08 21.41
CA SER C 285 -1.69 -31.34 21.18
C SER C 285 -0.70 -32.48 20.97
N ALA C 286 0.45 -32.17 20.35
CA ALA C 286 1.45 -33.17 20.04
C ALA C 286 2.16 -33.67 21.29
N GLY C 287 2.73 -32.74 22.07
CA GLY C 287 3.45 -33.11 23.27
C GLY C 287 4.08 -31.95 24.01
N TYR C 288 5.22 -32.21 24.63
CA TYR C 288 5.90 -31.24 25.48
C TYR C 288 7.22 -30.77 24.89
N GLY C 289 7.50 -29.48 25.01
CA GLY C 289 8.77 -28.92 24.58
C GLY C 289 9.84 -29.15 25.63
N PRO C 290 11.06 -28.68 25.37
CA PRO C 290 12.14 -28.85 26.35
C PRO C 290 11.81 -28.14 27.66
N PRO C 291 12.04 -28.80 28.80
CA PRO C 291 11.73 -28.10 30.06
C PRO C 291 12.80 -27.07 30.40
N SER C 292 12.44 -26.07 31.20
CA SER C 292 13.42 -25.13 31.72
C SER C 292 14.49 -25.90 32.47
N ARG C 293 15.69 -25.34 32.49
CA ARG C 293 16.78 -25.95 33.25
C ARG C 293 16.38 -25.98 34.71
N THR C 294 16.59 -27.12 35.34
CA THR C 294 16.05 -27.40 36.67
C THR C 294 16.48 -26.38 37.73
N ILE C 295 15.51 -26.01 38.57
CA ILE C 295 15.77 -25.14 39.72
C ILE C 295 15.55 -25.93 41.01
N ASP C 296 16.48 -25.78 41.96
CA ASP C 296 16.41 -26.48 43.25
C ASP C 296 16.02 -25.54 44.38
N ILE C 297 15.05 -25.96 45.19
CA ILE C 297 14.68 -25.23 46.40
C ILE C 297 14.48 -26.20 47.55
N ILE C 298 14.52 -25.69 48.78
CA ILE C 298 14.27 -26.50 49.96
C ILE C 298 13.12 -25.90 50.76
N THR C 299 12.11 -26.71 51.00
CA THR C 299 10.98 -26.28 51.82
C THR C 299 11.46 -25.94 53.23
N ARG C 300 10.72 -25.07 53.91
CA ARG C 300 11.03 -24.74 55.30
C ARG C 300 10.57 -25.89 56.19
N LYS C 301 11.05 -25.89 57.43
CA LYS C 301 10.70 -26.96 58.37
C LYS C 301 9.35 -26.69 59.02
N GLY D 1 46.39 31.87 51.75
CA GLY D 1 46.54 32.10 50.29
C GLY D 1 45.49 31.39 49.46
N PRO D 2 45.54 31.56 48.13
CA PRO D 2 44.57 30.94 47.23
C PRO D 2 44.69 29.41 47.20
N PRO D 3 43.71 28.72 46.60
CA PRO D 3 43.68 27.25 46.57
C PRO D 3 44.87 26.66 45.82
N GLY D 4 45.24 25.43 46.18
CA GLY D 4 46.25 24.70 45.44
C GLY D 4 45.64 24.16 44.17
N PRO D 5 46.49 23.62 43.27
CA PRO D 5 45.94 23.03 42.05
C PRO D 5 45.09 21.79 42.33
N PRO D 6 43.91 21.69 41.73
CA PRO D 6 43.15 20.44 41.88
C PRO D 6 43.91 19.26 41.27
N GLY D 7 43.55 18.04 41.64
CA GLY D 7 44.30 16.87 41.23
C GLY D 7 43.86 16.28 39.90
N GLY D 8 44.16 15.00 39.73
CA GLY D 8 43.92 14.29 38.48
C GLY D 8 42.51 14.41 37.95
N ILE D 9 42.41 14.54 36.63
CA ILE D 9 41.14 14.65 35.93
C ILE D 9 40.79 13.32 35.28
N ARG D 10 39.52 12.92 35.39
CA ARG D 10 39.05 11.68 34.79
C ARG D 10 38.04 11.93 33.69
N ILE D 11 38.28 11.34 32.53
CA ILE D 11 37.35 11.40 31.41
C ILE D 11 36.20 10.43 31.65
N GLU D 12 34.99 10.96 31.73
CA GLU D 12 33.82 10.17 32.09
C GLU D 12 32.95 9.86 30.87
N GLU D 13 32.70 10.88 30.05
CA GLU D 13 31.94 10.70 28.82
C GLU D 13 32.49 11.61 27.73
N ILE D 14 32.47 11.12 26.49
CA ILE D 14 32.91 11.89 25.34
C ILE D 14 31.83 11.89 24.27
N ARG D 15 31.41 13.09 23.87
CA ARG D 15 30.39 13.26 22.84
C ARG D 15 30.98 14.08 21.68
N ASP D 16 30.13 14.56 20.79
CA ASP D 16 30.60 15.34 19.65
C ASP D 16 31.01 16.75 20.07
N THR D 17 30.23 17.36 20.95
CA THR D 17 30.45 18.75 21.35
C THR D 17 30.55 18.91 22.86
N ALA D 18 30.72 17.79 23.57
CA ALA D 18 30.86 17.86 25.01
C ALA D 18 31.62 16.68 25.59
N VAL D 19 32.28 16.94 26.72
CA VAL D 19 32.94 15.90 27.51
C VAL D 19 32.51 16.05 28.95
N ALA D 20 32.26 14.94 29.62
CA ALA D 20 31.96 14.96 31.05
C ALA D 20 33.24 14.66 31.82
N LEU D 21 33.47 15.40 32.89
CA LEU D 21 34.70 15.28 33.67
C LEU D 21 34.44 15.15 35.16
N THR D 22 35.33 14.41 35.83
CA THR D 22 35.46 14.48 37.27
C THR D 22 36.90 14.82 37.61
N TRP D 23 37.16 15.19 38.86
CA TRP D 23 38.51 15.48 39.30
C TRP D 23 38.61 15.42 40.82
N SER D 24 39.83 15.26 41.33
CA SER D 24 40.06 15.19 42.76
C SER D 24 40.28 16.59 43.32
N ARG D 25 39.65 16.87 44.45
CA ARG D 25 39.72 18.16 45.12
C ARG D 25 41.15 18.50 45.54
N GLY D 26 41.54 19.76 45.35
CA GLY D 26 42.83 20.25 45.80
C GLY D 26 42.76 20.75 47.23
N THR D 27 43.77 21.48 47.68
CA THR D 27 43.84 21.93 49.06
C THR D 27 43.14 23.29 49.27
N ASP D 28 42.56 23.47 50.45
CA ASP D 28 41.83 24.68 50.80
C ASP D 28 42.75 25.90 50.91
N ASN D 29 43.87 25.71 51.60
CA ASN D 29 44.68 26.82 52.07
C ASN D 29 43.83 27.77 52.92
N HIS D 30 42.95 27.16 53.72
CA HIS D 30 42.24 27.81 54.83
C HIS D 30 41.05 28.67 54.44
N SER D 31 40.73 28.74 53.14
CA SER D 31 39.48 29.34 52.71
C SER D 31 38.71 28.34 51.84
N PRO D 32 37.37 28.27 52.01
CA PRO D 32 36.61 27.32 51.18
C PRO D 32 36.67 27.67 49.69
N ILE D 33 36.70 26.65 48.84
CA ILE D 33 36.58 26.88 47.40
C ILE D 33 35.20 27.44 47.12
N SER D 34 35.14 28.51 46.32
CA SER D 34 33.86 29.14 46.00
C SER D 34 33.36 28.70 44.63
N LYS D 35 34.29 28.48 43.70
CA LYS D 35 33.94 28.00 42.37
C LYS D 35 35.11 27.35 41.65
N TYR D 36 34.78 26.57 40.63
CA TYR D 36 35.77 25.99 39.71
C TYR D 36 35.59 26.57 38.31
N THR D 37 36.70 26.78 37.62
CA THR D 37 36.68 27.14 36.21
C THR D 37 37.41 26.05 35.44
N ILE D 38 37.00 25.83 34.19
CA ILE D 38 37.66 24.86 33.33
C ILE D 38 38.20 25.56 32.10
N GLN D 39 39.39 25.17 31.69
CA GLN D 39 39.99 25.66 30.45
C GLN D 39 40.27 24.49 29.52
N SER D 40 40.35 24.78 28.23
CA SER D 40 40.59 23.76 27.22
C SER D 40 41.73 24.16 26.29
N LYS D 41 42.42 23.17 25.73
CA LYS D 41 43.46 23.41 24.74
C LYS D 41 43.37 22.43 23.58
N THR D 42 43.55 22.98 22.38
CA THR D 42 43.67 22.18 21.17
C THR D 42 44.90 22.66 20.40
N PHE D 43 45.16 22.07 19.24
CA PHE D 43 46.27 22.50 18.41
C PHE D 43 46.08 23.94 17.95
N LEU D 44 44.83 24.38 17.86
CA LEU D 44 44.49 25.69 17.31
C LEU D 44 45.24 26.83 18.01
N SER D 45 45.54 26.64 19.28
CA SER D 45 46.19 27.70 20.05
C SER D 45 47.08 27.17 21.16
N GLU D 46 48.28 27.74 21.25
CA GLU D 46 49.15 27.48 22.38
C GLU D 46 48.48 27.99 23.64
N GLU D 47 47.69 29.05 23.48
CA GLU D 47 46.92 29.63 24.57
C GLU D 47 45.90 28.63 25.09
N TRP D 48 45.77 28.54 26.41
CA TRP D 48 44.66 27.81 27.01
C TRP D 48 43.44 28.71 26.95
N LYS D 49 42.29 28.15 26.55
CA LYS D 49 41.07 28.92 26.40
C LYS D 49 40.04 28.59 27.49
N ASP D 50 39.43 29.63 28.06
CA ASP D 50 38.36 29.45 29.03
C ASP D 50 37.19 28.72 28.38
N ALA D 51 36.70 27.69 29.05
CA ALA D 51 35.72 26.78 28.48
C ALA D 51 34.32 27.00 29.03
N LYS D 52 33.32 26.96 28.17
CA LYS D 52 31.93 26.98 28.60
C LYS D 52 31.61 25.65 29.29
N THR D 53 30.69 25.70 30.25
CA THR D 53 30.43 24.55 31.11
C THR D 53 28.94 24.38 31.38
N GLU D 54 28.53 23.13 31.57
CA GLU D 54 27.22 22.77 32.10
C GLU D 54 27.44 22.07 33.44
N PRO D 55 27.01 22.69 34.55
CA PRO D 55 26.32 23.98 34.68
C PRO D 55 27.24 25.17 34.43
N SER D 56 26.65 26.30 34.04
CA SER D 56 27.40 27.50 33.69
C SER D 56 28.39 27.93 34.76
N ASP D 57 27.98 27.80 36.03
CA ASP D 57 28.84 28.11 37.16
C ASP D 57 29.02 26.88 38.05
N ILE D 58 30.26 26.49 38.27
CA ILE D 58 30.59 25.30 39.05
C ILE D 58 30.76 25.64 40.53
N GLU D 59 29.96 25.01 41.39
CA GLU D 59 29.99 25.29 42.82
C GLU D 59 31.30 24.80 43.44
N GLY D 60 31.56 25.25 44.66
CA GLY D 60 32.79 24.91 45.35
C GLY D 60 32.83 23.47 45.84
N ASN D 61 31.70 22.96 46.29
CA ASN D 61 31.60 21.61 46.85
C ASN D 61 31.38 20.56 45.76
N MET D 62 31.95 20.81 44.60
CA MET D 62 31.74 19.94 43.46
C MET D 62 33.04 19.59 42.74
N GLU D 63 33.01 18.42 42.10
CA GLU D 63 34.20 17.82 41.51
C GLU D 63 33.89 17.23 40.15
N SER D 64 32.74 17.56 39.62
CA SER D 64 32.34 17.05 38.33
C SER D 64 31.75 18.18 37.50
N ALA D 65 31.80 18.05 36.19
CA ALA D 65 31.25 19.04 35.30
C ALA D 65 31.29 18.62 33.86
N ARG D 66 30.57 19.34 33.02
CA ARG D 66 30.57 19.05 31.63
C ARG D 66 31.10 20.20 30.86
N VAL D 67 32.05 19.94 30.00
CA VAL D 67 32.60 20.97 29.13
C VAL D 67 31.85 20.94 27.80
N ILE D 68 31.24 22.06 27.43
CA ILE D 68 30.32 22.12 26.29
C ILE D 68 30.83 23.01 25.15
N ASP D 69 30.05 23.06 24.08
CA ASP D 69 30.36 23.85 22.89
C ASP D 69 31.70 23.46 22.27
N LEU D 70 32.00 22.16 22.30
CA LEU D 70 33.26 21.66 21.76
C LEU D 70 33.14 21.37 20.27
N ILE D 71 34.28 21.40 19.59
CA ILE D 71 34.36 21.07 18.17
C ILE D 71 34.39 19.56 17.97
N PRO D 72 33.47 19.01 17.15
CA PRO D 72 33.51 17.58 16.85
C PRO D 72 34.80 17.14 16.18
N TRP D 73 35.28 15.95 16.53
CA TRP D 73 36.48 15.36 15.92
C TRP D 73 37.70 16.25 16.16
N MET D 74 37.84 16.75 17.37
CA MET D 74 38.96 17.60 17.75
C MET D 74 39.66 17.01 18.97
N GLU D 75 40.99 17.08 18.99
CA GLU D 75 41.75 16.60 20.13
C GLU D 75 41.83 17.69 21.21
N TYR D 76 41.44 17.32 22.43
CA TYR D 76 41.35 18.27 23.53
C TYR D 76 42.13 17.85 24.77
N GLU D 77 42.63 18.84 25.48
CA GLU D 77 43.08 18.69 26.86
C GLU D 77 42.25 19.65 27.71
N PHE D 78 42.05 19.31 28.98
CA PHE D 78 41.32 20.18 29.90
C PHE D 78 42.06 20.31 31.21
N ARG D 79 41.80 21.40 31.92
CA ARG D 79 42.43 21.67 33.20
C ARG D 79 41.44 22.39 34.10
N ILE D 80 41.54 22.14 35.41
CA ILE D 80 40.63 22.73 36.38
C ILE D 80 41.32 23.81 37.20
N ILE D 81 40.63 24.93 37.39
CA ILE D 81 41.14 26.03 38.20
C ILE D 81 40.19 26.30 39.37
N ALA D 82 40.71 26.21 40.59
CA ALA D 82 39.94 26.49 41.80
C ALA D 82 40.25 27.88 42.32
N THR D 83 39.27 28.51 42.96
CA THR D 83 39.44 29.84 43.53
C THR D 83 38.62 30.01 44.81
N ASN D 84 39.12 30.84 45.72
CA ASN D 84 38.41 31.18 46.95
C ASN D 84 38.38 32.70 47.13
N THR D 85 38.24 33.15 48.38
CA THR D 85 38.16 34.58 48.65
C THR D 85 39.50 35.27 48.47
N LEU D 86 40.59 34.53 48.66
CA LEU D 86 41.94 35.09 48.62
C LEU D 86 42.54 35.14 47.22
N GLY D 87 41.80 34.63 46.24
CA GLY D 87 42.22 34.69 44.84
C GLY D 87 42.06 33.36 44.14
N THR D 88 42.26 33.36 42.82
CA THR D 88 42.21 32.14 42.03
C THR D 88 43.58 31.46 42.05
N GLY D 89 43.55 30.15 42.27
CA GLY D 89 44.77 29.39 42.43
C GLY D 89 45.33 28.89 41.12
N GLU D 90 46.31 28.01 41.20
CA GLU D 90 46.99 27.51 40.00
C GLU D 90 46.14 26.46 39.29
N PRO D 91 46.28 26.37 37.96
CA PRO D 91 45.54 25.35 37.22
C PRO D 91 45.99 23.95 37.57
N SER D 92 45.10 22.97 37.44
CA SER D 92 45.49 21.57 37.61
C SER D 92 46.40 21.18 36.46
N MET D 93 47.02 20.01 36.59
CA MET D 93 47.72 19.43 35.46
C MET D 93 46.69 19.14 34.38
N PRO D 94 47.10 19.18 33.10
CA PRO D 94 46.14 18.89 32.05
C PRO D 94 45.61 17.47 32.15
N SER D 95 44.38 17.26 31.70
CA SER D 95 43.86 15.92 31.53
C SER D 95 44.63 15.25 30.41
N GLN D 96 44.48 13.93 30.29
CA GLN D 96 45.03 13.23 29.13
C GLN D 96 44.27 13.72 27.91
N ARG D 97 44.91 13.70 26.76
CA ARG D 97 44.30 14.22 25.55
C ARG D 97 43.17 13.29 25.10
N ILE D 98 42.10 13.87 24.57
CA ILE D 98 40.95 13.09 24.10
C ILE D 98 40.46 13.59 22.75
N ARG D 99 39.72 12.76 22.04
CA ARG D 99 39.17 13.11 20.73
C ARG D 99 37.64 13.05 20.78
N THR D 100 36.99 14.17 20.50
CA THR D 100 35.53 14.23 20.51
C THR D 100 34.96 13.42 19.35
N GLU D 101 33.71 13.01 19.48
CA GLU D 101 33.04 12.26 18.42
C GLU D 101 32.80 13.13 17.21
N GLY D 102 32.60 12.49 16.06
CA GLY D 102 32.39 13.20 14.82
C GLY D 102 30.96 13.65 14.62
N ALA D 103 30.77 14.63 13.74
CA ALA D 103 29.46 15.10 13.35
C ALA D 103 29.53 15.55 11.89
N PRO D 104 28.37 15.70 11.24
CA PRO D 104 28.38 16.27 9.89
C PRO D 104 29.04 17.65 9.88
N PRO D 105 29.83 17.98 8.83
CA PRO D 105 30.41 19.33 8.79
C PRO D 105 29.30 20.38 8.79
N ASN D 106 29.59 21.58 9.26
CA ASN D 106 28.55 22.61 9.37
C ASN D 106 28.99 23.95 8.79
N VAL D 107 30.04 23.92 7.98
CA VAL D 107 30.50 25.10 7.26
C VAL D 107 30.69 24.76 5.79
N ALA D 108 30.37 25.71 4.92
CA ALA D 108 30.55 25.52 3.49
C ALA D 108 31.94 25.98 3.06
N PRO D 109 32.51 25.36 2.03
CA PRO D 109 33.78 25.87 1.50
C PRO D 109 33.63 27.31 1.02
N SER D 110 34.65 28.13 1.22
CA SER D 110 34.59 29.52 0.80
C SER D 110 35.26 29.72 -0.56
N ASP D 111 35.14 30.95 -1.08
CA ASP D 111 35.77 31.37 -2.33
C ASP D 111 35.65 30.33 -3.45
N VAL D 112 34.42 29.92 -3.74
CA VAL D 112 34.16 29.00 -4.84
C VAL D 112 34.13 29.75 -6.16
N GLY D 113 34.89 29.25 -7.13
CA GLY D 113 34.97 29.87 -8.43
C GLY D 113 35.60 28.92 -9.44
N GLY D 114 36.43 29.46 -10.32
CA GLY D 114 37.09 28.66 -11.33
C GLY D 114 37.20 29.38 -12.65
N GLY D 115 37.57 28.63 -13.68
CA GLY D 115 37.82 29.17 -15.00
C GLY D 115 39.23 28.83 -15.44
N GLY D 116 39.52 29.05 -16.72
CA GLY D 116 40.83 28.77 -17.26
C GLY D 116 41.04 27.31 -17.56
N GLY D 117 42.29 26.95 -17.83
CA GLY D 117 42.66 25.55 -18.08
C GLY D 117 43.02 25.30 -19.51
N SER D 118 43.43 24.06 -19.80
CA SER D 118 43.74 23.66 -21.17
C SER D 118 42.46 23.53 -21.99
N ASN D 119 42.61 23.25 -23.28
CA ASN D 119 41.46 23.09 -24.17
C ASN D 119 40.45 22.08 -23.66
N ARG D 120 39.18 22.45 -23.75
CA ARG D 120 38.08 21.58 -23.36
C ARG D 120 38.18 21.13 -21.91
N GLU D 121 38.49 22.07 -21.02
CA GLU D 121 38.51 21.79 -19.59
C GLU D 121 37.62 22.77 -18.83
N LEU D 122 36.97 22.27 -17.79
CA LEU D 122 36.23 23.11 -16.85
C LEU D 122 36.93 23.06 -15.49
N THR D 123 37.64 24.14 -15.17
CA THR D 123 38.48 24.18 -13.98
C THR D 123 37.71 24.79 -12.81
N ILE D 124 37.33 23.92 -11.87
CA ILE D 124 36.57 24.32 -10.69
C ILE D 124 37.50 24.45 -9.49
N THR D 125 37.33 25.53 -8.73
CA THR D 125 38.22 25.82 -7.60
C THR D 125 37.46 26.27 -6.36
N TRP D 126 38.12 26.12 -5.21
CA TRP D 126 37.54 26.49 -3.92
C TRP D 126 38.60 26.45 -2.83
N MET D 127 38.40 27.21 -1.77
CA MET D 127 39.31 27.18 -0.62
C MET D 127 39.13 25.88 0.17
N PRO D 128 40.20 25.08 0.32
CA PRO D 128 40.10 23.89 1.17
C PRO D 128 39.79 24.23 2.61
N LEU D 129 38.83 23.53 3.21
CA LEU D 129 38.52 23.70 4.62
C LEU D 129 39.65 23.14 5.47
N SER D 130 40.17 23.97 6.37
CA SER D 130 41.27 23.55 7.24
C SER D 130 40.78 22.54 8.27
N ARG D 131 41.74 21.91 8.94
CA ARG D 131 41.49 20.74 9.79
C ARG D 131 40.31 20.86 10.75
N GLU D 132 40.19 22.01 11.42
CA GLU D 132 39.22 22.14 12.50
C GLU D 132 37.77 22.07 12.03
N TYR D 133 37.55 22.22 10.72
CA TYR D 133 36.21 22.19 10.16
C TYR D 133 35.83 20.82 9.61
N HIS D 134 36.75 19.86 9.69
CA HIS D 134 36.54 18.53 9.12
C HIS D 134 35.45 17.78 9.86
N TYR D 135 35.44 17.92 11.19
CA TYR D 135 34.35 17.43 12.04
C TYR D 135 34.18 15.91 12.04
N GLY D 136 35.02 15.17 11.33
CA GLY D 136 34.91 13.73 11.32
C GLY D 136 35.84 12.95 10.39
N ASN D 137 35.72 11.63 10.45
CA ASN D 137 36.50 10.72 9.62
C ASN D 137 36.12 10.79 8.15
N ASN D 138 37.04 10.37 7.29
CA ASN D 138 36.78 10.27 5.85
C ASN D 138 36.27 11.58 5.27
N PHE D 139 36.96 12.67 5.56
CA PHE D 139 36.55 13.98 5.08
C PHE D 139 36.87 14.16 3.59
N GLY D 140 35.97 14.83 2.89
CA GLY D 140 36.15 15.11 1.47
C GLY D 140 35.20 16.17 0.98
N TYR D 141 35.14 16.35 -0.34
CA TYR D 141 34.25 17.32 -0.96
C TYR D 141 33.42 16.68 -2.07
N ILE D 142 32.22 17.22 -2.27
CA ILE D 142 31.41 16.89 -3.43
C ILE D 142 31.25 18.15 -4.28
N VAL D 143 31.70 18.05 -5.54
CA VAL D 143 31.62 19.17 -6.47
C VAL D 143 30.44 18.99 -7.40
N ALA D 144 29.56 19.99 -7.44
CA ALA D 144 28.38 19.96 -8.29
C ALA D 144 28.49 21.02 -9.37
N PHE D 145 28.24 20.62 -10.61
CA PHE D 145 28.33 21.54 -11.74
C PHE D 145 27.36 21.16 -12.85
N LYS D 146 26.86 22.17 -13.54
CA LYS D 146 25.94 21.97 -14.66
C LYS D 146 26.02 23.14 -15.63
N PRO D 147 25.81 22.88 -16.93
CA PRO D 147 25.65 23.98 -17.90
C PRO D 147 24.60 24.96 -17.41
N PHE D 148 24.88 26.26 -17.51
CA PHE D 148 24.04 27.28 -16.90
C PHE D 148 22.58 27.16 -17.33
N GLY D 149 21.70 27.03 -16.34
CA GLY D 149 20.27 27.00 -16.58
C GLY D 149 19.68 25.61 -16.76
N GLU D 150 20.53 24.59 -16.78
CA GLU D 150 20.05 23.22 -16.92
C GLU D 150 19.41 22.74 -15.62
N LYS D 151 18.54 21.74 -15.74
CA LYS D 151 17.70 21.33 -14.61
C LYS D 151 18.47 20.49 -13.58
N GLU D 152 19.30 19.56 -14.05
CA GLU D 152 20.04 18.67 -13.14
C GLU D 152 21.51 19.02 -13.01
N TRP D 153 22.08 18.63 -11.87
CA TRP D 153 23.51 18.79 -11.60
C TRP D 153 24.26 17.51 -11.90
N ARG D 154 25.50 17.65 -12.36
CA ARG D 154 26.46 16.56 -12.33
C ARG D 154 27.22 16.68 -11.02
N ARG D 155 27.54 15.55 -10.42
CA ARG D 155 28.25 15.52 -9.15
C ARG D 155 29.45 14.60 -9.20
N VAL D 156 30.53 15.02 -8.56
CA VAL D 156 31.76 14.26 -8.52
C VAL D 156 32.35 14.33 -7.11
N THR D 157 33.03 13.27 -6.70
CA THR D 157 33.57 13.18 -5.34
C THR D 157 35.07 13.42 -5.31
N VAL D 158 35.47 14.45 -4.58
CA VAL D 158 36.88 14.71 -4.29
C VAL D 158 37.18 14.13 -2.91
N THR D 159 38.10 13.18 -2.85
CA THR D 159 38.42 12.47 -1.60
C THR D 159 39.62 13.09 -0.91
N ASN D 160 39.99 14.30 -1.34
CA ASN D 160 41.24 14.91 -0.93
C ASN D 160 41.00 16.24 -0.22
N PRO D 161 40.97 16.22 1.13
CA PRO D 161 40.73 17.44 1.92
C PRO D 161 41.67 18.59 1.57
N GLU D 162 42.83 18.24 1.00
CA GLU D 162 43.92 19.18 0.82
C GLU D 162 43.72 20.06 -0.41
N ILE D 163 43.21 19.47 -1.49
CA ILE D 163 43.16 20.15 -2.77
C ILE D 163 41.84 20.90 -2.94
N GLY D 164 41.93 22.08 -3.55
CA GLY D 164 40.79 22.94 -3.78
C GLY D 164 40.59 23.12 -5.27
N ARG D 165 40.52 22.01 -5.98
CA ARG D 165 40.53 22.04 -7.45
C ARG D 165 40.04 20.74 -8.06
N TYR D 166 39.02 20.86 -8.91
CA TYR D 166 38.60 19.76 -9.77
C TYR D 166 38.57 20.21 -11.23
N VAL D 167 39.17 19.39 -12.09
CA VAL D 167 39.23 19.69 -13.51
C VAL D 167 38.39 18.69 -14.30
N HIS D 168 37.29 19.17 -14.85
CA HIS D 168 36.37 18.36 -15.64
C HIS D 168 36.73 18.45 -17.12
N LYS D 169 36.80 17.29 -17.78
CA LYS D 169 37.22 17.21 -19.18
C LYS D 169 36.06 16.76 -20.08
N ASP D 170 35.82 17.54 -21.13
CA ASP D 170 34.73 17.25 -22.07
C ASP D 170 35.00 17.86 -23.45
N GLU D 171 35.38 17.02 -24.40
CA GLU D 171 35.72 17.47 -25.76
C GLU D 171 34.55 18.18 -26.44
N SER D 172 33.33 17.78 -26.08
CA SER D 172 32.12 18.35 -26.68
C SER D 172 31.88 19.77 -26.20
N MET D 173 32.38 20.08 -25.01
CA MET D 173 32.17 21.39 -24.39
C MET D 173 32.81 22.52 -25.21
N PRO D 174 31.98 23.43 -25.78
CA PRO D 174 32.56 24.55 -26.53
C PRO D 174 33.39 25.46 -25.62
N PRO D 175 34.30 26.27 -26.19
CA PRO D 175 35.14 27.05 -25.29
C PRO D 175 34.37 28.17 -24.60
N SER D 176 34.73 28.45 -23.34
CA SER D 176 34.11 29.51 -22.55
C SER D 176 32.60 29.30 -22.38
N THR D 177 32.20 28.05 -22.13
CA THR D 177 30.81 27.73 -21.85
C THR D 177 30.44 28.12 -20.41
N GLN D 178 29.33 28.83 -20.26
CA GLN D 178 28.89 29.28 -18.94
C GLN D 178 28.41 28.08 -18.12
N TYR D 179 28.90 28.00 -16.88
CA TYR D 179 28.54 26.91 -15.97
C TYR D 179 28.19 27.43 -14.58
N GLN D 180 27.28 26.73 -13.91
CA GLN D 180 27.00 26.97 -12.50
C GLN D 180 27.73 25.90 -11.69
N VAL D 181 28.26 26.29 -10.54
CA VAL D 181 29.13 25.41 -9.80
C VAL D 181 29.07 25.68 -8.29
N LYS D 182 29.17 24.61 -7.51
CA LYS D 182 29.13 24.72 -6.05
C LYS D 182 29.77 23.49 -5.40
N VAL D 183 30.12 23.62 -4.13
CA VAL D 183 30.87 22.59 -3.43
C VAL D 183 30.39 22.46 -1.99
N LYS D 184 30.38 21.22 -1.49
CA LYS D 184 30.09 20.97 -0.08
C LYS D 184 31.06 19.95 0.50
N ALA D 185 31.36 20.10 1.78
CA ALA D 185 32.17 19.14 2.50
C ALA D 185 31.31 17.97 2.93
N PHE D 186 31.97 16.87 3.25
CA PHE D 186 31.30 15.74 3.89
C PHE D 186 32.30 14.98 4.73
N ASN D 187 31.78 14.12 5.61
CA ASN D 187 32.59 13.16 6.33
C ASN D 187 31.77 11.89 6.54
N SER D 188 32.27 10.97 7.36
CA SER D 188 31.59 9.70 7.55
C SER D 188 30.23 9.84 8.25
N LYS D 189 29.98 11.01 8.85
CA LYS D 189 28.76 11.23 9.62
C LYS D 189 27.68 11.95 8.80
N GLY D 190 28.05 12.51 7.66
CA GLY D 190 27.09 13.18 6.79
C GLY D 190 27.66 14.35 6.01
N ASP D 191 26.77 15.08 5.33
CA ASP D 191 27.17 16.17 4.44
C ASP D 191 27.09 17.54 5.10
N GLY D 192 27.99 18.42 4.69
CA GLY D 192 27.95 19.80 5.10
C GLY D 192 27.06 20.61 4.19
N PRO D 193 26.87 21.90 4.51
CA PRO D 193 26.06 22.77 3.65
C PRO D 193 26.77 23.12 2.34
N PHE D 194 26.01 23.32 1.28
CA PHE D 194 26.59 23.73 0.00
C PHE D 194 27.07 25.17 0.02
N SER D 195 28.17 25.42 -0.68
CA SER D 195 28.71 26.77 -0.84
C SER D 195 27.76 27.65 -1.63
N LEU D 196 28.17 28.90 -1.85
CA LEU D 196 27.49 29.76 -2.81
C LEU D 196 27.67 29.16 -4.19
N THR D 197 26.66 29.32 -5.05
CA THR D 197 26.78 28.94 -6.44
C THR D 197 27.53 30.04 -7.21
N ALA D 198 28.62 29.66 -7.84
CA ALA D 198 29.38 30.58 -8.69
C ALA D 198 29.08 30.32 -10.17
N VAL D 199 29.15 31.38 -10.96
CA VAL D 199 29.03 31.27 -12.41
C VAL D 199 30.42 31.39 -13.02
N ILE D 200 30.89 30.30 -13.63
CA ILE D 200 32.23 30.27 -14.21
C ILE D 200 32.14 29.92 -15.69
N TYR D 201 33.30 29.80 -16.32
CA TYR D 201 33.38 29.49 -17.75
C TYR D 201 34.44 28.44 -18.04
N SER D 202 34.16 27.55 -18.98
CA SER D 202 35.13 26.55 -19.38
C SER D 202 36.32 27.24 -20.02
N ALA D 203 37.38 26.49 -20.24
CA ALA D 203 38.61 27.05 -20.79
C ALA D 203 38.40 27.58 -22.20
N GLN D 204 39.32 28.43 -22.65
CA GLN D 204 39.34 28.84 -24.04
C GLN D 204 40.06 27.75 -24.81
N ASP D 205 39.96 27.80 -26.13
CA ASP D 205 40.81 26.96 -26.97
C ASP D 205 42.11 27.72 -27.22
N ALA D 206 43.21 26.98 -27.34
CA ALA D 206 44.49 27.61 -27.64
C ALA D 206 44.46 28.18 -29.06
N PRO D 207 45.16 29.30 -29.30
CA PRO D 207 45.21 29.93 -30.62
C PRO D 207 45.71 29.01 -31.73
N THR D 208 45.45 29.40 -32.97
CA THR D 208 45.90 28.64 -34.14
C THR D 208 46.46 29.57 -35.22
N GLU D 209 46.20 30.87 -35.10
CA GLU D 209 46.72 31.84 -36.05
C GLU D 209 48.19 32.11 -35.80
N VAL D 210 48.95 32.28 -36.88
CA VAL D 210 50.38 32.55 -36.79
C VAL D 210 50.67 34.04 -37.04
N PRO D 211 51.48 34.66 -36.17
CA PRO D 211 51.88 36.05 -36.42
C PRO D 211 52.66 36.20 -37.73
N THR D 212 52.24 37.14 -38.57
CA THR D 212 52.88 37.36 -39.87
C THR D 212 53.86 38.52 -39.84
N ASP D 213 54.63 38.65 -40.92
CA ASP D 213 55.56 39.75 -41.11
C ASP D 213 56.41 40.03 -39.88
N VAL D 214 57.09 39.01 -39.38
CA VAL D 214 58.02 39.20 -38.28
C VAL D 214 59.27 39.88 -38.83
N SER D 215 59.80 40.83 -38.07
CA SER D 215 60.93 41.63 -38.53
C SER D 215 61.95 41.83 -37.42
N VAL D 216 63.17 41.37 -37.67
CA VAL D 216 64.26 41.45 -36.69
C VAL D 216 65.37 42.36 -37.18
N LYS D 217 65.66 43.39 -36.38
CA LYS D 217 66.71 44.34 -36.70
C LYS D 217 67.79 44.31 -35.61
N VAL D 218 69.05 44.22 -36.03
CA VAL D 218 70.17 44.20 -35.10
C VAL D 218 70.53 45.63 -34.69
N LEU D 219 70.63 45.86 -33.39
CA LEU D 219 70.83 47.20 -32.84
C LEU D 219 72.27 47.40 -32.36
N SER D 220 72.85 46.34 -31.83
CA SER D 220 74.21 46.40 -31.30
C SER D 220 74.79 44.99 -31.25
N SER D 221 75.82 44.82 -30.44
CA SER D 221 76.42 43.51 -30.24
C SER D 221 75.60 42.65 -29.26
N SER D 222 74.70 43.29 -28.53
CA SER D 222 73.91 42.60 -27.50
C SER D 222 72.43 42.93 -27.56
N GLU D 223 72.00 43.62 -28.62
CA GLU D 223 70.61 44.07 -28.72
C GLU D 223 70.01 43.88 -30.11
N ILE D 224 68.82 43.30 -30.15
CA ILE D 224 68.01 43.24 -31.37
C ILE D 224 66.57 43.57 -31.01
N SER D 225 65.83 44.07 -31.98
CA SER D 225 64.41 44.35 -31.79
C SER D 225 63.59 43.45 -32.70
N VAL D 226 62.51 42.91 -32.15
CA VAL D 226 61.60 42.05 -32.89
C VAL D 226 60.25 42.76 -33.01
N SER D 227 59.61 42.61 -34.15
CA SER D 227 58.28 43.18 -34.37
C SER D 227 57.48 42.34 -35.35
N TRP D 228 56.15 42.43 -35.26
CA TRP D 228 55.26 41.59 -36.05
C TRP D 228 53.91 42.27 -36.26
N HIS D 229 53.09 41.69 -37.14
CA HIS D 229 51.70 42.14 -37.31
C HIS D 229 50.80 41.26 -36.45
N HIS D 230 49.79 41.86 -35.83
CA HIS D 230 48.91 41.13 -34.92
C HIS D 230 48.03 40.13 -35.65
N VAL D 231 47.75 39.02 -34.97
CA VAL D 231 46.74 38.08 -35.43
C VAL D 231 45.38 38.68 -35.15
N THR D 232 44.36 38.27 -35.90
CA THR D 232 43.02 38.78 -35.71
C THR D 232 42.27 37.97 -34.66
N GLU D 233 42.82 36.83 -34.28
CA GLU D 233 42.18 35.93 -33.32
C GLU D 233 41.91 36.66 -32.00
N LYS D 234 40.64 36.70 -31.63
CA LYS D 234 40.16 37.65 -30.62
C LYS D 234 40.56 37.25 -29.20
N SER D 235 40.70 35.96 -28.96
CA SER D 235 40.97 35.46 -27.61
C SER D 235 42.43 35.61 -27.20
N VAL D 236 43.25 36.13 -28.09
CA VAL D 236 44.68 36.27 -27.83
C VAL D 236 44.95 37.32 -26.76
N GLU D 237 45.78 36.97 -25.79
CA GLU D 237 46.04 37.81 -24.62
C GLU D 237 47.49 38.28 -24.56
N GLY D 238 48.32 37.77 -25.46
CA GLY D 238 49.72 38.17 -25.51
C GLY D 238 50.50 37.45 -26.59
N TYR D 239 51.79 37.77 -26.67
CA TYR D 239 52.71 37.14 -27.62
C TYR D 239 53.99 36.71 -26.92
N GLN D 240 54.43 35.48 -27.21
CA GLN D 240 55.71 35.00 -26.73
C GLN D 240 56.76 35.18 -27.82
N ILE D 241 57.89 35.78 -27.45
CA ILE D 241 59.03 35.89 -28.34
C ILE D 241 60.15 34.97 -27.88
N ARG D 242 60.36 33.87 -28.59
CA ARG D 242 61.44 32.95 -28.26
C ARG D 242 62.71 33.35 -29.01
N TYR D 243 63.86 33.09 -28.40
CA TYR D 243 65.12 33.27 -29.09
C TYR D 243 66.23 32.41 -28.47
N TRP D 244 67.00 31.76 -29.33
CA TRP D 244 68.11 30.92 -28.90
C TRP D 244 69.25 30.95 -29.90
N ALA D 245 70.48 30.92 -29.40
CA ALA D 245 71.65 30.96 -30.24
C ALA D 245 71.81 29.66 -31.03
N ALA D 246 72.64 29.69 -32.07
CA ALA D 246 72.76 28.55 -32.97
C ALA D 246 73.56 27.40 -32.35
N HIS D 247 74.22 27.66 -31.23
CA HIS D 247 74.96 26.63 -30.51
C HIS D 247 74.15 26.08 -29.34
N ASP D 248 72.95 26.62 -29.15
CA ASP D 248 72.04 26.17 -28.11
C ASP D 248 70.90 25.35 -28.70
N LYS D 249 70.15 24.69 -27.82
CA LYS D 249 69.05 23.84 -28.24
C LYS D 249 67.76 24.65 -28.17
N GLU D 250 66.84 24.41 -29.11
CA GLU D 250 65.57 25.12 -29.13
C GLU D 250 64.81 24.92 -27.81
N ALA D 251 65.11 23.83 -27.12
CA ALA D 251 64.51 23.55 -25.82
C ALA D 251 64.92 24.59 -24.78
N ALA D 252 66.16 25.07 -24.88
CA ALA D 252 66.74 25.98 -23.91
C ALA D 252 66.62 27.44 -24.36
N ALA D 253 65.66 27.70 -25.24
CA ALA D 253 65.45 29.05 -25.74
C ALA D 253 64.94 29.97 -24.64
N GLN D 254 65.49 31.18 -24.60
CA GLN D 254 64.95 32.22 -23.73
C GLN D 254 63.69 32.76 -24.38
N ARG D 255 62.75 33.18 -23.55
CA ARG D 255 61.47 33.68 -24.03
C ARG D 255 60.99 34.87 -23.21
N VAL D 256 60.39 35.84 -23.90
CA VAL D 256 59.75 36.97 -23.22
C VAL D 256 58.32 37.07 -23.74
N GLN D 257 57.42 37.57 -22.89
CA GLN D 257 56.01 37.65 -23.21
C GLN D 257 55.50 39.08 -23.08
N VAL D 258 54.71 39.50 -24.06
CA VAL D 258 54.17 40.86 -24.09
C VAL D 258 52.67 40.86 -24.30
N SER D 259 52.04 41.99 -24.00
CA SER D 259 50.60 42.15 -24.18
C SER D 259 50.17 41.92 -25.62
N ASN D 260 48.90 41.59 -25.79
CA ASN D 260 48.32 41.40 -27.12
C ASN D 260 48.23 42.71 -27.89
N GLN D 261 48.40 43.82 -27.17
CA GLN D 261 48.32 45.15 -27.77
C GLN D 261 49.67 45.61 -28.34
N GLU D 262 50.75 45.02 -27.83
CA GLU D 262 52.10 45.36 -28.29
C GLU D 262 52.49 44.55 -29.51
N TYR D 263 53.33 45.14 -30.36
CA TYR D 263 53.71 44.53 -31.63
C TYR D 263 55.22 44.56 -31.84
N SER D 264 55.96 44.81 -30.78
CA SER D 264 57.42 44.75 -30.85
C SER D 264 58.03 44.59 -29.46
N THR D 265 59.33 44.33 -29.43
CA THR D 265 60.05 44.20 -28.17
C THR D 265 61.55 44.24 -28.41
N LYS D 266 62.30 44.75 -27.43
CA LYS D 266 63.76 44.84 -27.53
C LYS D 266 64.44 43.77 -26.67
N LEU D 267 65.11 42.83 -27.34
CA LEU D 267 65.90 41.82 -26.65
C LEU D 267 67.27 42.38 -26.31
N GLU D 268 67.77 42.09 -25.11
CA GLU D 268 69.08 42.59 -24.68
C GLU D 268 69.96 41.48 -24.13
N ASN D 269 71.21 41.83 -23.85
CA ASN D 269 72.18 40.92 -23.24
C ASN D 269 72.41 39.68 -24.11
N LEU D 270 72.55 39.91 -25.41
CA LEU D 270 72.89 38.86 -26.37
C LEU D 270 74.39 38.73 -26.54
N LYS D 271 74.86 37.55 -26.90
CA LYS D 271 76.28 37.36 -27.20
C LYS D 271 76.65 38.06 -28.50
N PRO D 272 77.80 38.76 -28.53
CA PRO D 272 78.23 39.39 -29.79
C PRO D 272 78.58 38.39 -30.87
N ASN D 273 78.42 38.80 -32.14
CA ASN D 273 78.86 37.99 -33.28
C ASN D 273 78.28 36.58 -33.22
N THR D 274 77.00 36.48 -32.85
CA THR D 274 76.36 35.18 -32.65
C THR D 274 75.05 35.08 -33.42
N ARG D 275 74.83 33.93 -34.05
CA ARG D 275 73.59 33.68 -34.79
C ARG D 275 72.46 33.33 -33.83
N TYR D 276 71.35 34.06 -33.94
CA TYR D 276 70.18 33.81 -33.12
C TYR D 276 68.95 33.48 -33.97
N HIS D 277 68.19 32.48 -33.54
CA HIS D 277 66.90 32.16 -34.14
C HIS D 277 65.81 32.83 -33.31
N ILE D 278 64.87 33.51 -33.96
CA ILE D 278 63.82 34.22 -33.24
C ILE D 278 62.43 33.76 -33.69
N ASP D 279 61.51 33.66 -32.74
CA ASP D 279 60.15 33.18 -32.98
C ASP D 279 59.13 34.15 -32.37
N VAL D 280 57.95 34.21 -32.97
CA VAL D 280 56.80 34.91 -32.39
C VAL D 280 55.56 34.02 -32.48
N SER D 281 54.90 33.83 -31.35
CA SER D 281 53.66 33.06 -31.29
C SER D 281 52.66 33.74 -30.37
N ALA D 282 51.38 33.54 -30.67
CA ALA D 282 50.29 34.13 -29.90
C ALA D 282 49.80 33.14 -28.85
N PHE D 283 49.27 33.64 -27.75
CA PHE D 283 48.79 32.76 -26.70
C PHE D 283 47.66 33.37 -25.89
N ASN D 284 46.93 32.51 -25.20
CA ASN D 284 45.93 32.91 -24.22
C ASN D 284 46.07 32.02 -23.00
N SER D 285 45.08 32.07 -22.10
CA SER D 285 45.14 31.29 -20.88
C SER D 285 45.18 29.78 -21.13
N ALA D 286 44.84 29.37 -22.34
CA ALA D 286 44.72 27.95 -22.68
C ALA D 286 45.99 27.36 -23.30
N GLY D 287 46.93 28.23 -23.69
CA GLY D 287 48.18 27.77 -24.27
C GLY D 287 48.65 28.63 -25.43
N TYR D 288 49.68 28.15 -26.12
CA TYR D 288 50.33 28.92 -27.18
C TYR D 288 49.99 28.38 -28.57
N GLY D 289 49.88 29.30 -29.53
CA GLY D 289 49.66 28.93 -30.92
C GLY D 289 50.96 28.59 -31.61
N PRO D 290 50.89 28.20 -32.89
CA PRO D 290 52.09 27.83 -33.65
C PRO D 290 53.10 28.97 -33.75
N PRO D 291 54.41 28.67 -33.66
CA PRO D 291 55.41 29.72 -33.86
C PRO D 291 55.35 30.32 -35.27
N SER D 292 55.82 31.56 -35.40
CA SER D 292 56.00 32.16 -36.71
C SER D 292 57.15 31.44 -37.40
N ARG D 293 57.34 31.73 -38.69
CA ARG D 293 58.51 31.24 -39.39
C ARG D 293 59.77 31.73 -38.68
N THR D 294 60.71 30.81 -38.46
CA THR D 294 61.94 31.16 -37.75
C THR D 294 62.76 32.14 -38.58
N ILE D 295 63.19 33.22 -37.94
CA ILE D 295 64.00 34.25 -38.58
C ILE D 295 65.37 34.32 -37.91
N ASP D 296 66.39 34.59 -38.71
CA ASP D 296 67.78 34.58 -38.26
C ASP D 296 68.40 35.98 -38.32
N ILE D 297 69.25 36.26 -37.33
CA ILE D 297 70.13 37.42 -37.37
C ILE D 297 71.47 37.06 -36.77
N ILE D 298 72.46 37.91 -36.97
CA ILE D 298 73.74 37.80 -36.28
C ILE D 298 74.05 39.15 -35.65
N THR D 299 74.23 39.14 -34.32
CA THR D 299 74.56 40.36 -33.60
C THR D 299 75.90 40.90 -34.06
N ARG D 300 76.12 42.19 -33.85
CA ARG D 300 77.35 42.85 -34.28
C ARG D 300 78.53 42.40 -33.43
N LYS D 301 79.73 42.73 -33.90
CA LYS D 301 80.97 42.25 -33.28
C LYS D 301 81.37 43.11 -32.08
#